data_6O3J
#
_entry.id   6O3J
#
_cell.length_a   181.859
_cell.length_b   43.931
_cell.length_c   154.526
_cell.angle_alpha   90.00
_cell.angle_beta   92.49
_cell.angle_gamma   90.00
#
_symmetry.space_group_name_H-M   'C 1 2 1'
#
loop_
_entity.id
_entity.type
_entity.pdbx_description
1 polymer 'PGZL1 light chain'
2 polymer 'PGZL1 heavy chain'
3 polymer 'MPER peptide, region 671-683 of HIV-1 gp41'
4 non-polymer '(2R)-3-(phosphonooxy)propane-1,2-diyl dihexanoate'
5 non-polymer (4S)-2-METHYL-2,4-PENTANEDIOL
#
loop_
_entity_poly.entity_id
_entity_poly.type
_entity_poly.pdbx_seq_one_letter_code
_entity_poly.pdbx_strand_id
1 'polypeptide(L)'
;DVVMTQSPGTLSLSPGERATLSCRASQSVSGGALAWYQQKPGQAPRLLIYDTSSRPTGVPGRFSGSGSGTDFSLTISRLE
PEDFAVYYCQQYGTSQSTFGQGTRLEIKRTVAAPSVFIFPPSDEQLKSGTASVVCLLNNFYPREAKVQWKVDNALQSGNS
QESVTEQDSKDSTYSLSSTLTLSKADYEKHKVYACEVTHQGLSSPVTKSFNRGEC
;
L,B
2 'polypeptide(L)'
;EVQLVQSGGEVKRPGSSVTVSCKATGGTFSTLAFNWVRQAPGQGPEWMGGIVPLFSIVNYGQKFQGRLTIRADKSTTTVF
LDLSGLTSADTATYYCAREGEGWFGKPLRAFEFWGQGTVITVSSASTKGPSVFPLAPSSKSTSGGTAALGCLVKDYFPEP
VTVSWNSGALTSGVHTFPAVLQSSGLYSLSSVVTVPSSSLGTQTYICNVNHKPSNTKVDKKVEPKSC
;
H,A
3 'polypeptide(L)' NWFDITNWLWYIKKKK G,I
#
# COMPACT_ATOMS: atom_id res chain seq x y z
N VAL A 2 9.20 -37.19 2.08
CA VAL A 2 10.15 -37.39 0.98
C VAL A 2 11.00 -36.14 0.77
N VAL A 3 12.32 -36.30 0.84
CA VAL A 3 13.26 -35.21 0.73
C VAL A 3 13.87 -35.21 -0.67
N MET A 4 13.64 -34.14 -1.42
CA MET A 4 14.22 -33.99 -2.74
C MET A 4 15.59 -33.33 -2.62
N THR A 5 16.55 -33.85 -3.38
CA THR A 5 17.92 -33.33 -3.39
C THR A 5 18.35 -33.16 -4.84
N GLN A 6 18.62 -31.93 -5.24
CA GLN A 6 19.03 -31.62 -6.60
C GLN A 6 20.55 -31.56 -6.69
N SER A 7 21.06 -31.77 -7.91
CA SER A 7 22.50 -31.82 -8.13
C SER A 7 22.83 -31.33 -9.53
N PRO A 8 23.92 -30.54 -9.69
CA PRO A 8 24.73 -30.05 -8.57
C PRO A 8 24.13 -28.80 -7.93
N GLY A 9 24.86 -28.18 -7.02
CA GLY A 9 24.40 -26.92 -6.45
C GLY A 9 24.41 -25.81 -7.48
N THR A 10 25.50 -25.69 -8.23
CA THR A 10 25.64 -24.70 -9.29
C THR A 10 26.25 -25.37 -10.51
N LEU A 11 25.60 -25.21 -11.66
CA LEU A 11 26.04 -25.80 -12.91
C LEU A 11 26.54 -24.67 -13.82
N SER A 12 27.85 -24.66 -14.09
CA SER A 12 28.46 -23.64 -14.93
C SER A 12 28.76 -24.24 -16.29
N LEU A 13 28.01 -23.83 -17.30
CA LEU A 13 28.16 -24.32 -18.65
C LEU A 13 28.15 -23.15 -19.63
N SER A 14 28.42 -23.48 -20.92
CA SER A 14 28.51 -22.49 -21.98
C SER A 14 27.19 -22.41 -22.75
N PRO A 15 26.87 -21.24 -23.30
CA PRO A 15 25.68 -21.14 -24.17
C PRO A 15 25.85 -22.01 -25.41
N GLY A 16 24.82 -22.83 -25.67
CA GLY A 16 24.87 -23.78 -26.76
C GLY A 16 25.30 -25.17 -26.37
N GLU A 17 25.87 -25.34 -25.18
CA GLU A 17 26.28 -26.64 -24.68
C GLU A 17 25.06 -27.43 -24.20
N ARG A 18 25.28 -28.67 -23.77
CA ARG A 18 24.21 -29.53 -23.29
C ARG A 18 24.23 -29.56 -21.77
N ALA A 19 23.05 -29.43 -21.16
CA ALA A 19 22.91 -29.33 -19.72
C ALA A 19 22.10 -30.51 -19.19
N THR A 20 22.56 -31.08 -18.07
CA THR A 20 21.87 -32.19 -17.42
C THR A 20 21.83 -31.93 -15.92
N LEU A 21 20.61 -31.83 -15.37
CA LEU A 21 20.40 -31.58 -13.95
C LEU A 21 19.74 -32.80 -13.31
N SER A 22 20.19 -33.16 -12.10
CA SER A 22 19.75 -34.37 -11.44
C SER A 22 18.86 -34.06 -10.24
N CYS A 23 17.90 -34.95 -9.99
CA CYS A 23 16.96 -34.84 -8.88
C CYS A 23 16.82 -36.21 -8.25
N ARG A 24 17.14 -36.31 -6.96
CA ARG A 24 17.16 -37.59 -6.25
C ARG A 24 16.21 -37.50 -5.05
N ALA A 25 15.25 -38.41 -5.00
CA ALA A 25 14.27 -38.45 -3.93
C ALA A 25 14.70 -39.42 -2.85
N SER A 26 14.33 -39.11 -1.60
CA SER A 26 14.67 -39.98 -0.48
C SER A 26 13.92 -41.31 -0.53
N GLN A 27 12.78 -41.35 -1.21
CA GLN A 27 12.07 -42.60 -1.42
C GLN A 27 11.44 -42.56 -2.80
N SER A 28 10.86 -43.69 -3.20
CA SER A 28 10.31 -43.82 -4.54
C SER A 28 9.12 -42.88 -4.73
N VAL A 29 9.09 -42.22 -5.88
CA VAL A 29 7.99 -41.32 -6.25
C VAL A 29 6.95 -42.13 -7.01
N SER A 30 5.72 -42.14 -6.51
CA SER A 30 4.67 -42.98 -7.08
C SER A 30 4.13 -42.38 -8.37
N GLY A 31 4.02 -43.22 -9.40
CA GLY A 31 3.38 -42.82 -10.64
C GLY A 31 4.18 -41.85 -11.48
N GLY A 32 5.47 -41.69 -11.19
CA GLY A 32 6.29 -40.74 -11.91
C GLY A 32 5.85 -39.30 -11.75
N ALA A 33 5.40 -38.92 -10.56
CA ALA A 33 4.89 -37.57 -10.31
C ALA A 33 6.07 -36.65 -9.97
N LEU A 34 6.81 -36.27 -11.01
CA LEU A 34 7.96 -35.39 -10.88
C LEU A 34 7.82 -34.24 -11.87
N ALA A 35 8.11 -33.03 -11.39
CA ALA A 35 8.00 -31.84 -12.21
C ALA A 35 9.27 -31.01 -12.11
N TRP A 36 9.59 -30.31 -13.20
CA TRP A 36 10.75 -29.45 -13.30
C TRP A 36 10.28 -28.04 -13.62
N TYR A 37 10.67 -27.09 -12.77
CA TYR A 37 10.31 -25.68 -12.89
C TYR A 37 11.56 -24.85 -13.10
N GLN A 38 11.43 -23.81 -13.92
CA GLN A 38 12.49 -22.83 -14.14
C GLN A 38 12.06 -21.51 -13.54
N GLN A 39 13.00 -20.82 -12.88
CA GLN A 39 12.72 -19.55 -12.26
C GLN A 39 13.89 -18.60 -12.48
N LYS A 40 13.57 -17.43 -13.00
CA LYS A 40 14.42 -16.25 -13.17
C LYS A 40 14.21 -15.30 -12.00
N PRO A 41 15.24 -14.54 -11.61
CA PRO A 41 15.10 -13.68 -10.43
C PRO A 41 13.99 -12.64 -10.62
N GLY A 42 13.11 -12.56 -9.63
CA GLY A 42 12.02 -11.62 -9.64
C GLY A 42 10.74 -12.11 -10.30
N GLN A 43 10.72 -13.34 -10.77
CA GLN A 43 9.55 -13.90 -11.45
C GLN A 43 9.08 -15.16 -10.74
N ALA A 44 7.84 -15.53 -11.02
CA ALA A 44 7.32 -16.79 -10.54
C ALA A 44 7.87 -17.94 -11.39
N PRO A 45 8.05 -19.12 -10.79
CA PRO A 45 8.59 -20.25 -11.56
C PRO A 45 7.71 -20.60 -12.74
N ARG A 46 8.32 -21.19 -13.76
CA ARG A 46 7.63 -21.64 -14.96
C ARG A 46 7.74 -23.15 -15.08
N LEU A 47 6.61 -23.81 -15.30
CA LEU A 47 6.58 -25.27 -15.42
C LEU A 47 7.21 -25.69 -16.74
N LEU A 48 8.36 -26.35 -16.66
CA LEU A 48 9.04 -26.89 -17.82
C LEU A 48 8.66 -28.34 -18.11
N ILE A 49 8.56 -29.17 -17.07
CA ILE A 49 8.28 -30.60 -17.24
C ILE A 49 7.29 -31.04 -16.17
N TYR A 50 6.30 -31.83 -16.59
CA TYR A 50 5.37 -32.48 -15.65
C TYR A 50 5.29 -33.96 -15.97
N ASP A 51 4.95 -34.75 -14.96
CA ASP A 51 4.85 -36.21 -15.08
C ASP A 51 6.12 -36.79 -15.70
N THR A 52 7.24 -36.54 -15.02
CA THR A 52 8.56 -37.07 -15.37
C THR A 52 9.09 -36.55 -16.71
N SER A 53 8.33 -36.75 -17.80
CA SER A 53 8.83 -36.44 -19.13
C SER A 53 7.90 -35.60 -20.00
N SER A 54 6.62 -35.46 -19.64
CA SER A 54 5.70 -34.68 -20.46
C SER A 54 6.06 -33.20 -20.41
N ARG A 55 5.80 -32.50 -21.51
CA ARG A 55 6.18 -31.11 -21.66
C ARG A 55 4.95 -30.25 -21.96
N PRO A 56 4.68 -29.20 -21.19
CA PRO A 56 3.49 -28.37 -21.47
C PRO A 56 3.65 -27.58 -22.76
N THR A 57 2.52 -27.13 -23.27
CA THR A 57 2.50 -26.35 -24.51
C THR A 57 3.16 -25.00 -24.27
N GLY A 58 4.10 -24.64 -25.16
CA GLY A 58 4.86 -23.41 -25.07
C GLY A 58 6.32 -23.63 -24.71
N VAL A 59 6.62 -24.70 -24.00
CA VAL A 59 8.01 -25.00 -23.64
C VAL A 59 8.73 -25.56 -24.85
N PRO A 60 9.89 -25.02 -25.22
CA PRO A 60 10.60 -25.51 -26.41
C PRO A 60 11.07 -26.95 -26.24
N GLY A 61 11.29 -27.60 -27.37
CA GLY A 61 11.63 -29.01 -27.41
C GLY A 61 13.00 -29.35 -26.87
N ARG A 62 13.86 -28.36 -26.64
CA ARG A 62 15.20 -28.63 -26.12
C ARG A 62 15.17 -29.12 -24.68
N PHE A 63 14.08 -28.88 -23.95
CA PHE A 63 13.90 -29.39 -22.60
C PHE A 63 13.26 -30.76 -22.66
N SER A 64 13.88 -31.74 -21.99
CA SER A 64 13.33 -33.09 -21.96
C SER A 64 13.61 -33.72 -20.59
N GLY A 65 12.60 -34.39 -20.04
CA GLY A 65 12.72 -35.03 -18.75
C GLY A 65 12.88 -36.53 -18.89
N SER A 66 13.55 -37.13 -17.90
CA SER A 66 13.76 -38.57 -17.89
C SER A 66 13.95 -39.03 -16.46
N GLY A 67 13.92 -40.35 -16.26
CA GLY A 67 14.15 -40.95 -14.97
C GLY A 67 12.95 -41.74 -14.49
N SER A 68 13.14 -42.38 -13.33
CA SER A 68 12.11 -43.21 -12.72
C SER A 68 12.57 -43.63 -11.34
N GLY A 69 11.60 -43.90 -10.47
CA GLY A 69 11.88 -44.36 -9.13
C GLY A 69 12.37 -43.27 -8.20
N THR A 70 13.69 -43.16 -8.04
CA THR A 70 14.29 -42.14 -7.20
C THR A 70 15.29 -41.25 -7.92
N ASP A 71 15.59 -41.53 -9.19
CA ASP A 71 16.53 -40.73 -9.96
C ASP A 71 15.81 -40.10 -11.15
N PHE A 72 15.93 -38.78 -11.29
CA PHE A 72 15.33 -38.05 -12.39
C PHE A 72 16.35 -37.06 -12.94
N SER A 73 16.14 -36.67 -14.20
CA SER A 73 17.10 -35.81 -14.88
C SER A 73 16.39 -34.93 -15.89
N LEU A 74 16.72 -33.64 -15.86
CA LEU A 74 16.30 -32.69 -16.89
C LEU A 74 17.46 -32.44 -17.84
N THR A 75 17.15 -32.40 -19.15
CA THR A 75 18.16 -32.28 -20.19
C THR A 75 17.80 -31.13 -21.11
N ILE A 76 18.67 -30.14 -21.19
CA ILE A 76 18.57 -29.03 -22.14
C ILE A 76 19.60 -29.31 -23.23
N SER A 77 19.11 -29.72 -24.40
CA SER A 77 20.01 -30.15 -25.47
C SER A 77 20.87 -29.02 -25.99
N ARG A 78 20.35 -27.80 -26.05
CA ARG A 78 21.09 -26.64 -26.53
C ARG A 78 20.78 -25.46 -25.62
N LEU A 79 21.76 -25.02 -24.83
CA LEU A 79 21.56 -23.92 -23.90
C LEU A 79 21.49 -22.60 -24.65
N GLU A 80 20.33 -21.95 -24.57
CA GLU A 80 20.13 -20.64 -25.16
C GLU A 80 20.44 -19.56 -24.13
N PRO A 81 20.55 -18.29 -24.56
CA PRO A 81 20.79 -17.22 -23.58
C PRO A 81 19.75 -17.15 -22.47
N GLU A 82 18.48 -17.45 -22.77
CA GLU A 82 17.42 -17.33 -21.77
C GLU A 82 17.21 -18.60 -20.94
N ASP A 83 18.08 -19.60 -21.09
CA ASP A 83 17.95 -20.86 -20.37
C ASP A 83 18.77 -20.92 -19.09
N PHE A 84 19.39 -19.82 -18.68
CA PHE A 84 20.23 -19.80 -17.49
C PHE A 84 19.43 -19.16 -16.35
N ALA A 85 19.22 -19.94 -15.29
CA ALA A 85 18.31 -19.57 -14.21
C ALA A 85 18.39 -20.63 -13.12
N VAL A 86 17.47 -20.62 -12.18
CA VAL A 86 17.45 -21.64 -11.13
C VAL A 86 16.36 -22.65 -11.46
N TYR A 87 16.66 -23.92 -11.25
CA TYR A 87 15.74 -25.01 -11.60
C TYR A 87 15.37 -25.80 -10.36
N TYR A 88 14.09 -26.05 -10.17
CA TYR A 88 13.58 -26.75 -9.00
C TYR A 88 12.78 -27.98 -9.44
N CYS A 89 13.10 -29.13 -8.86
CA CYS A 89 12.31 -30.33 -9.07
C CYS A 89 11.35 -30.53 -7.90
N GLN A 90 10.12 -30.88 -8.23
CA GLN A 90 9.04 -31.01 -7.25
C GLN A 90 8.37 -32.36 -7.41
N GLN A 91 8.24 -33.09 -6.30
CA GLN A 91 7.47 -34.32 -6.30
C GLN A 91 6.05 -34.04 -5.84
N TYR A 92 5.11 -34.87 -6.31
CA TYR A 92 3.71 -34.69 -5.93
C TYR A 92 2.94 -36.01 -6.02
N GLY A 93 3.59 -37.14 -5.77
CA GLY A 93 2.90 -38.41 -5.76
C GLY A 93 2.10 -38.66 -4.51
N THR A 94 2.52 -38.09 -3.39
CA THR A 94 1.82 -38.23 -2.12
C THR A 94 0.97 -36.99 -1.85
N SER A 95 0.33 -36.98 -0.69
CA SER A 95 -0.49 -35.84 -0.30
C SER A 95 0.35 -34.64 0.13
N GLN A 96 1.65 -34.83 0.35
CA GLN A 96 2.55 -33.76 0.81
C GLN A 96 3.63 -33.56 -0.25
N SER A 97 3.43 -32.57 -1.12
CA SER A 97 4.40 -32.25 -2.16
C SER A 97 5.61 -31.53 -1.56
N THR A 98 6.79 -31.83 -2.12
CA THR A 98 8.03 -31.21 -1.68
C THR A 98 8.84 -30.78 -2.90
N PHE A 99 9.55 -29.67 -2.74
CA PHE A 99 10.47 -29.16 -3.76
C PHE A 99 11.90 -29.54 -3.41
N GLY A 100 12.80 -29.26 -4.36
CA GLY A 100 14.23 -29.42 -4.14
C GLY A 100 14.88 -28.10 -3.79
N GLN A 101 16.13 -28.19 -3.33
CA GLN A 101 16.86 -26.99 -2.97
C GLN A 101 17.19 -26.12 -4.18
N GLY A 102 17.22 -26.71 -5.36
CA GLY A 102 17.42 -25.94 -6.58
C GLY A 102 18.82 -26.12 -7.15
N THR A 103 18.92 -25.94 -8.46
CA THR A 103 20.21 -25.97 -9.16
C THR A 103 20.36 -24.66 -9.91
N ARG A 104 21.50 -24.00 -9.72
CA ARG A 104 21.78 -22.71 -10.34
C ARG A 104 22.53 -22.93 -11.65
N LEU A 105 21.83 -22.79 -12.76
CA LEU A 105 22.43 -22.93 -14.10
C LEU A 105 22.89 -21.54 -14.54
N GLU A 106 24.19 -21.30 -14.44
CA GLU A 106 24.84 -20.05 -14.80
C GLU A 106 25.74 -20.24 -16.01
N ILE A 107 26.27 -19.11 -16.48
CA ILE A 107 27.13 -19.10 -17.67
C ILE A 107 28.57 -19.29 -17.24
N LYS A 108 29.28 -20.18 -17.94
CA LYS A 108 30.71 -20.35 -17.74
C LYS A 108 31.47 -19.35 -18.62
N ARG A 109 32.55 -18.80 -18.07
CA ARG A 109 33.37 -17.83 -18.80
C ARG A 109 34.77 -17.84 -18.21
N THR A 110 35.62 -16.94 -18.70
CA THR A 110 37.00 -16.86 -18.23
C THR A 110 37.06 -16.33 -16.79
N VAL A 111 38.06 -16.80 -16.05
CA VAL A 111 38.23 -16.35 -14.67
C VAL A 111 38.70 -14.90 -14.68
N ALA A 112 37.96 -14.04 -13.98
CA ALA A 112 38.26 -12.61 -13.91
C ALA A 112 38.52 -12.21 -12.47
N ALA A 113 39.57 -11.44 -12.25
CA ALA A 113 39.91 -11.01 -10.91
C ALA A 113 39.04 -9.83 -10.49
N PRO A 114 38.56 -9.81 -9.24
CA PRO A 114 37.72 -8.69 -8.80
C PRO A 114 38.54 -7.43 -8.59
N SER A 115 37.97 -6.30 -9.00
CA SER A 115 38.56 -5.01 -8.69
C SER A 115 38.11 -4.59 -7.30
N VAL A 116 39.05 -4.43 -6.38
CA VAL A 116 38.74 -4.21 -4.97
C VAL A 116 38.86 -2.73 -4.65
N PHE A 117 37.82 -2.17 -4.04
CA PHE A 117 37.82 -0.78 -3.59
C PHE A 117 37.29 -0.72 -2.16
N ILE A 118 38.03 -0.07 -1.27
CA ILE A 118 37.59 0.10 0.12
C ILE A 118 37.17 1.55 0.32
N PHE A 119 36.09 1.74 1.08
CA PHE A 119 35.50 3.04 1.32
C PHE A 119 35.34 3.24 2.82
N PRO A 120 35.91 4.31 3.38
CA PRO A 120 35.71 4.60 4.80
C PRO A 120 34.36 5.23 5.03
N PRO A 121 33.89 5.29 6.27
CA PRO A 121 32.63 5.99 6.56
C PRO A 121 32.76 7.48 6.30
N SER A 122 31.63 8.11 6.00
CA SER A 122 31.58 9.53 5.74
C SER A 122 31.42 10.32 7.03
N ASP A 123 31.79 11.60 6.99
CA ASP A 123 31.70 12.44 8.19
C ASP A 123 30.25 12.64 8.61
N GLU A 124 29.34 12.79 7.63
CA GLU A 124 27.93 12.93 7.95
C GLU A 124 27.38 11.70 8.64
N GLN A 125 27.89 10.52 8.27
CA GLN A 125 27.50 9.31 8.98
C GLN A 125 28.17 9.22 10.34
N LEU A 126 29.42 9.68 10.43
CA LEU A 126 30.15 9.63 11.70
C LEU A 126 29.47 10.49 12.75
N LYS A 127 28.90 11.64 12.36
CA LYS A 127 28.23 12.48 13.35
C LYS A 127 26.91 11.91 13.81
N SER A 128 26.45 10.79 13.24
CA SER A 128 25.19 10.17 13.62
C SER A 128 25.35 9.07 14.66
N GLY A 129 26.56 8.57 14.88
CA GLY A 129 26.82 7.60 15.93
C GLY A 129 27.27 6.24 15.45
N THR A 130 27.29 5.99 14.15
CA THR A 130 27.72 4.72 13.59
C THR A 130 28.72 4.95 12.47
N ALA A 131 29.41 3.89 12.08
CA ALA A 131 30.43 3.96 11.04
C ALA A 131 30.39 2.69 10.20
N SER A 132 30.27 2.85 8.89
CA SER A 132 30.22 1.72 7.96
C SER A 132 31.39 1.81 7.00
N VAL A 133 32.20 0.75 6.96
CA VAL A 133 33.33 0.64 6.04
C VAL A 133 32.94 -0.38 4.97
N VAL A 134 32.96 0.04 3.71
CA VAL A 134 32.39 -0.73 2.63
C VAL A 134 33.50 -1.23 1.72
N CYS A 135 33.61 -2.54 1.56
CA CYS A 135 34.54 -3.17 0.64
C CYS A 135 33.76 -3.64 -0.58
N LEU A 136 34.28 -3.32 -1.77
CA LEU A 136 33.60 -3.60 -3.03
C LEU A 136 34.49 -4.46 -3.92
N LEU A 137 33.93 -5.56 -4.41
CA LEU A 137 34.59 -6.47 -5.35
C LEU A 137 33.82 -6.37 -6.66
N ASN A 138 34.35 -5.61 -7.61
CA ASN A 138 33.65 -5.29 -8.85
C ASN A 138 34.09 -6.24 -9.96
N ASN A 139 33.11 -6.91 -10.57
CA ASN A 139 33.28 -7.70 -11.79
C ASN A 139 34.31 -8.81 -11.64
N PHE A 140 33.85 -10.02 -11.29
CA PHE A 140 34.74 -11.16 -11.14
C PHE A 140 34.00 -12.42 -11.53
N TYR A 141 34.76 -13.52 -11.66
CA TYR A 141 34.21 -14.85 -11.92
C TYR A 141 35.22 -15.87 -11.46
N PRO A 142 34.81 -16.95 -10.77
CA PRO A 142 33.42 -17.24 -10.37
C PRO A 142 32.98 -16.39 -9.17
N ARG A 143 31.76 -16.61 -8.68
CA ARG A 143 31.23 -15.77 -7.62
C ARG A 143 31.69 -16.16 -6.23
N GLU A 144 32.37 -17.31 -6.09
CA GLU A 144 32.87 -17.72 -4.77
C GLU A 144 34.08 -16.86 -4.40
N ALA A 145 33.93 -16.04 -3.37
CA ALA A 145 35.01 -15.18 -2.92
C ALA A 145 34.91 -15.02 -1.41
N LYS A 146 36.07 -14.92 -0.75
CA LYS A 146 36.13 -14.79 0.71
C LYS A 146 36.62 -13.39 1.06
N VAL A 147 35.85 -12.69 1.89
CA VAL A 147 36.19 -11.35 2.36
C VAL A 147 36.46 -11.44 3.86
N GLN A 148 37.52 -10.75 4.29
CA GLN A 148 37.89 -10.77 5.70
C GLN A 148 38.28 -9.37 6.13
N TRP A 149 37.75 -8.93 7.28
CA TRP A 149 38.00 -7.60 7.79
C TRP A 149 39.06 -7.63 8.87
N LYS A 150 39.95 -6.64 8.83
CA LYS A 150 41.06 -6.52 9.77
C LYS A 150 41.09 -5.10 10.30
N VAL A 151 40.78 -4.93 11.59
CA VAL A 151 40.85 -3.65 12.27
C VAL A 151 42.08 -3.71 13.16
N ASP A 152 43.18 -3.12 12.69
CA ASP A 152 44.50 -3.21 13.35
C ASP A 152 44.93 -4.67 13.49
N ASN A 153 44.89 -5.39 12.37
CA ASN A 153 45.27 -6.79 12.27
C ASN A 153 44.41 -7.71 13.14
N ALA A 154 43.23 -7.25 13.57
CA ALA A 154 42.31 -8.06 14.34
C ALA A 154 41.22 -8.59 13.44
N LEU A 155 41.09 -9.91 13.36
CA LEU A 155 40.11 -10.53 12.49
C LEU A 155 38.70 -10.25 13.01
N GLN A 156 37.86 -9.67 12.16
CA GLN A 156 36.47 -9.39 12.52
C GLN A 156 35.58 -10.55 12.13
N SER A 157 34.49 -10.72 12.87
CA SER A 157 33.55 -11.80 12.61
C SER A 157 32.24 -11.49 13.31
N GLY A 158 31.15 -11.45 12.55
CA GLY A 158 29.82 -11.22 13.10
C GLY A 158 29.33 -9.80 13.05
N ASN A 159 30.10 -8.89 12.44
CA ASN A 159 29.70 -7.49 12.35
C ASN A 159 29.85 -6.97 10.93
N SER A 160 29.76 -7.86 9.95
CA SER A 160 29.87 -7.51 8.54
C SER A 160 28.90 -8.35 7.73
N GLN A 161 28.22 -7.69 6.79
CA GLN A 161 27.22 -8.34 5.95
C GLN A 161 27.60 -8.21 4.48
N GLU A 162 27.39 -9.27 3.72
CA GLU A 162 27.77 -9.32 2.31
C GLU A 162 26.53 -9.50 1.45
N SER A 163 26.61 -8.97 0.22
CA SER A 163 25.54 -9.13 -0.76
C SER A 163 26.16 -9.15 -2.15
N VAL A 164 25.67 -10.04 -3.00
CA VAL A 164 26.19 -10.24 -4.34
C VAL A 164 25.10 -9.95 -5.35
N THR A 165 25.46 -9.22 -6.41
CA THR A 165 24.53 -8.96 -7.50
C THR A 165 24.31 -10.23 -8.32
N GLU A 166 23.28 -10.20 -9.16
CA GLU A 166 23.06 -11.29 -10.09
C GLU A 166 24.14 -11.29 -11.17
N GLN A 167 24.24 -12.41 -11.88
CA GLN A 167 25.20 -12.50 -12.97
C GLN A 167 24.85 -11.47 -14.05
N ASP A 168 25.84 -10.66 -14.42
CA ASP A 168 25.61 -9.58 -15.37
C ASP A 168 25.30 -10.14 -16.75
N SER A 169 24.30 -9.55 -17.41
CA SER A 169 23.83 -10.04 -18.69
C SER A 169 24.80 -9.76 -19.83
N LYS A 170 25.83 -8.96 -19.61
CA LYS A 170 26.75 -8.56 -20.67
C LYS A 170 28.13 -9.18 -20.55
N ASP A 171 28.68 -9.31 -19.35
CA ASP A 171 30.00 -9.89 -19.14
C ASP A 171 30.01 -11.13 -18.25
N SER A 172 28.85 -11.57 -17.78
CA SER A 172 28.72 -12.78 -16.96
C SER A 172 29.57 -12.73 -15.70
N THR A 173 29.78 -11.52 -15.16
CA THR A 173 30.55 -11.33 -13.94
C THR A 173 29.63 -11.00 -12.77
N TYR A 174 30.15 -11.21 -11.58
CA TYR A 174 29.45 -10.92 -10.33
C TYR A 174 30.12 -9.78 -9.60
N SER A 175 29.35 -9.07 -8.79
CA SER A 175 29.86 -7.99 -7.95
C SER A 175 29.43 -8.24 -6.52
N LEU A 176 30.36 -8.09 -5.58
CA LEU A 176 30.11 -8.34 -4.17
C LEU A 176 30.36 -7.08 -3.36
N SER A 177 29.59 -6.92 -2.29
CA SER A 177 29.73 -5.79 -1.39
C SER A 177 29.67 -6.29 0.05
N SER A 178 30.71 -5.97 0.81
CA SER A 178 30.81 -6.37 2.22
C SER A 178 30.91 -5.12 3.08
N THR A 179 29.91 -4.90 3.93
CA THR A 179 29.86 -3.74 4.80
C THR A 179 30.19 -4.16 6.23
N LEU A 180 31.12 -3.43 6.85
CA LEU A 180 31.50 -3.61 8.24
C LEU A 180 30.91 -2.45 9.04
N THR A 181 30.04 -2.77 9.99
CA THR A 181 29.34 -1.77 10.79
C THR A 181 29.92 -1.74 12.20
N LEU A 182 30.27 -0.54 12.67
CA LEU A 182 30.82 -0.35 13.99
C LEU A 182 30.19 0.88 14.63
N SER A 183 30.36 1.00 15.94
CA SER A 183 30.01 2.24 16.61
C SER A 183 31.10 3.27 16.38
N LYS A 184 30.74 4.54 16.58
CA LYS A 184 31.73 5.61 16.42
C LYS A 184 32.85 5.48 17.44
N ALA A 185 32.52 5.06 18.66
CA ALA A 185 33.54 4.85 19.68
C ALA A 185 34.54 3.79 19.25
N ASP A 186 34.05 2.60 18.88
CA ASP A 186 34.94 1.54 18.42
C ASP A 186 35.67 1.93 17.13
N TYR A 187 35.04 2.75 16.28
CA TYR A 187 35.71 3.17 15.06
C TYR A 187 36.87 4.12 15.34
N GLU A 188 36.74 4.96 16.38
CA GLU A 188 37.81 5.90 16.71
C GLU A 188 38.83 5.32 17.69
N LYS A 189 38.59 4.13 18.24
CA LYS A 189 39.59 3.46 19.06
C LYS A 189 40.70 2.83 18.25
N HIS A 190 40.59 2.82 16.92
CA HIS A 190 41.55 2.17 16.04
C HIS A 190 41.90 3.11 14.90
N LYS A 191 42.79 2.65 14.01
CA LYS A 191 43.30 3.50 12.94
C LYS A 191 43.28 2.79 11.59
N VAL A 192 43.94 1.64 11.51
CA VAL A 192 44.09 0.91 10.24
C VAL A 192 42.87 0.02 10.04
N TYR A 193 42.20 0.18 8.90
CA TYR A 193 41.06 -0.64 8.52
C TYR A 193 41.35 -1.27 7.17
N ALA A 194 41.26 -2.60 7.10
CA ALA A 194 41.59 -3.33 5.88
C ALA A 194 40.54 -4.38 5.59
N CYS A 195 40.36 -4.66 4.31
CA CYS A 195 39.53 -5.77 3.85
CA CYS A 195 39.53 -5.76 3.84
C CYS A 195 40.33 -6.57 2.84
N GLU A 196 40.65 -7.82 3.19
CA GLU A 196 41.42 -8.69 2.33
C GLU A 196 40.51 -9.72 1.67
N VAL A 197 40.75 -9.94 0.39
CA VAL A 197 39.91 -10.76 -0.46
C VAL A 197 40.73 -11.94 -0.97
N THR A 198 40.13 -13.13 -0.90
CA THR A 198 40.71 -14.35 -1.43
C THR A 198 39.77 -14.87 -2.51
N HIS A 199 40.28 -15.02 -3.73
CA HIS A 199 39.49 -15.43 -4.88
C HIS A 199 40.30 -16.37 -5.75
N GLN A 200 39.62 -17.10 -6.62
CA GLN A 200 40.31 -18.01 -7.54
C GLN A 200 41.17 -17.23 -8.54
N GLY A 201 40.69 -16.08 -9.00
CA GLY A 201 41.43 -15.26 -9.94
C GLY A 201 42.47 -14.38 -9.29
N LEU A 202 42.92 -14.77 -8.09
CA LEU A 202 43.94 -14.02 -7.36
C LEU A 202 45.02 -14.99 -6.91
N SER A 203 46.28 -14.66 -7.23
CA SER A 203 47.40 -15.49 -6.81
C SER A 203 47.61 -15.40 -5.30
N SER A 204 47.50 -14.21 -4.75
CA SER A 204 47.61 -13.96 -3.32
C SER A 204 46.44 -13.10 -2.84
N PRO A 205 46.00 -13.29 -1.61
CA PRO A 205 44.87 -12.49 -1.10
C PRO A 205 45.20 -11.00 -1.09
N VAL A 206 44.35 -10.22 -1.74
CA VAL A 206 44.60 -8.80 -1.95
C VAL A 206 43.98 -8.01 -0.81
N THR A 207 44.77 -7.16 -0.17
CA THR A 207 44.32 -6.37 0.97
C THR A 207 44.24 -4.90 0.59
N LYS A 208 43.07 -4.30 0.75
CA LYS A 208 42.88 -2.86 0.61
C LYS A 208 42.65 -2.28 1.99
N SER A 209 43.49 -1.32 2.37
CA SER A 209 43.46 -0.74 3.70
C SER A 209 43.51 0.78 3.62
N PHE A 210 43.10 1.41 4.71
CA PHE A 210 43.22 2.85 4.90
C PHE A 210 43.48 3.15 6.36
N ASN A 211 44.31 4.15 6.60
CA ASN A 211 44.53 4.67 7.94
C ASN A 211 43.47 5.73 8.22
N ARG A 212 42.88 5.68 9.43
CA ARG A 212 41.83 6.63 9.79
C ARG A 212 42.39 8.05 9.85
N GLY A 213 41.92 8.91 8.94
CA GLY A 213 42.35 10.28 8.92
C GLY A 213 43.54 10.57 8.02
N GLU A 214 43.69 9.82 6.94
CA GLU A 214 44.78 10.08 6.00
C GLU A 214 44.28 10.02 4.56
N GLU B 1 -6.80 -15.70 -21.76
CA GLU B 1 -5.78 -15.60 -20.73
C GLU B 1 -6.25 -16.18 -19.40
N VAL B 2 -5.42 -17.06 -18.83
CA VAL B 2 -5.66 -17.63 -17.51
C VAL B 2 -4.76 -16.87 -16.54
N GLN B 3 -5.33 -15.90 -15.83
CA GLN B 3 -4.57 -15.01 -14.98
C GLN B 3 -4.95 -15.19 -13.52
N LEU B 4 -3.95 -15.11 -12.65
CA LEU B 4 -4.14 -15.14 -11.20
C LEU B 4 -3.61 -13.83 -10.64
N VAL B 5 -4.51 -13.02 -10.10
CA VAL B 5 -4.18 -11.70 -9.58
C VAL B 5 -4.28 -11.76 -8.06
N GLN B 6 -3.15 -11.59 -7.38
CA GLN B 6 -3.10 -11.65 -5.93
C GLN B 6 -3.24 -10.26 -5.32
N SER B 7 -3.39 -10.25 -4.00
CA SER B 7 -3.50 -9.00 -3.26
C SER B 7 -2.13 -8.34 -3.11
N GLY B 8 -2.14 -7.10 -2.62
CA GLY B 8 -0.92 -6.34 -2.51
C GLY B 8 -0.04 -6.77 -1.35
N GLY B 9 1.19 -6.26 -1.36
CA GLY B 9 2.10 -6.55 -0.28
C GLY B 9 1.64 -5.94 1.03
N GLU B 10 2.14 -6.51 2.12
CA GLU B 10 1.66 -6.14 3.44
C GLU B 10 2.78 -6.32 4.46
N VAL B 11 2.73 -5.48 5.49
CA VAL B 11 3.65 -5.57 6.62
C VAL B 11 2.84 -5.94 7.85
N LYS B 12 3.10 -7.12 8.40
CA LYS B 12 2.36 -7.65 9.54
C LYS B 12 3.28 -7.76 10.76
N ARG B 13 2.69 -7.55 11.95
CA ARG B 13 3.44 -7.69 13.19
C ARG B 13 3.47 -9.14 13.65
N PRO B 14 4.50 -9.53 14.40
CA PRO B 14 4.60 -10.93 14.84
C PRO B 14 3.40 -11.34 15.67
N GLY B 15 2.89 -12.54 15.40
CA GLY B 15 1.75 -13.09 16.09
C GLY B 15 0.41 -12.83 15.45
N SER B 16 0.33 -11.88 14.50
CA SER B 16 -0.92 -11.53 13.86
C SER B 16 -1.27 -12.57 12.79
N SER B 17 -2.37 -12.33 12.08
CA SER B 17 -2.84 -13.21 11.02
C SER B 17 -3.02 -12.40 9.74
N VAL B 18 -2.72 -13.03 8.60
CA VAL B 18 -2.76 -12.38 7.31
C VAL B 18 -3.64 -13.20 6.37
N THR B 19 -4.30 -12.51 5.44
CA THR B 19 -5.12 -13.15 4.43
C THR B 19 -4.67 -12.67 3.06
N VAL B 20 -4.38 -13.61 2.16
CA VAL B 20 -3.94 -13.32 0.80
C VAL B 20 -4.98 -13.87 -0.15
N SER B 21 -5.35 -13.06 -1.14
CA SER B 21 -6.37 -13.42 -2.12
C SER B 21 -5.73 -13.83 -3.44
N CYS B 22 -6.56 -14.39 -4.33
CA CYS B 22 -6.07 -14.93 -5.59
C CYS B 22 -7.26 -15.00 -6.55
N LYS B 23 -7.40 -13.97 -7.39
CA LYS B 23 -8.50 -13.89 -8.34
C LYS B 23 -8.11 -14.64 -9.61
N ALA B 24 -8.80 -15.76 -9.86
CA ALA B 24 -8.55 -16.58 -11.04
C ALA B 24 -9.59 -16.22 -12.11
N THR B 25 -9.11 -15.79 -13.28
CA THR B 25 -9.97 -15.36 -14.37
C THR B 25 -9.53 -16.01 -15.67
N GLY B 26 -10.50 -16.48 -16.45
CA GLY B 26 -10.23 -17.01 -17.77
C GLY B 26 -9.97 -18.49 -17.85
N GLY B 27 -10.49 -19.28 -16.92
CA GLY B 27 -10.24 -20.71 -16.96
C GLY B 27 -11.12 -21.45 -15.98
N THR B 28 -10.97 -22.77 -15.97
CA THR B 28 -11.73 -23.61 -15.05
C THR B 28 -11.29 -23.35 -13.61
N PHE B 29 -12.25 -23.41 -12.69
CA PHE B 29 -11.96 -23.03 -11.31
C PHE B 29 -12.33 -24.14 -10.33
N SER B 30 -13.57 -24.63 -10.41
CA SER B 30 -14.09 -25.50 -9.36
C SER B 30 -13.39 -26.86 -9.35
N THR B 31 -13.25 -27.49 -10.52
CA THR B 31 -12.74 -28.85 -10.61
C THR B 31 -11.22 -28.92 -10.75
N LEU B 32 -10.53 -27.81 -10.55
CA LEU B 32 -9.07 -27.77 -10.65
C LEU B 32 -8.46 -27.33 -9.34
N ALA B 33 -7.31 -27.90 -9.00
CA ALA B 33 -6.68 -27.70 -7.70
C ALA B 33 -5.81 -26.45 -7.72
N PHE B 34 -6.08 -25.53 -6.80
CA PHE B 34 -5.20 -24.40 -6.56
C PHE B 34 -4.25 -24.73 -5.42
N ASN B 35 -3.09 -24.08 -5.42
CA ASN B 35 -2.07 -24.33 -4.42
C ASN B 35 -1.40 -23.03 -4.02
N TRP B 36 -0.99 -22.97 -2.75
CA TRP B 36 -0.24 -21.85 -2.21
C TRP B 36 1.19 -22.31 -1.94
N VAL B 37 2.17 -21.64 -2.57
CA VAL B 37 3.58 -21.97 -2.42
C VAL B 37 4.32 -20.69 -2.11
N ARG B 38 5.04 -20.67 -0.99
CA ARG B 38 5.81 -19.51 -0.58
C ARG B 38 7.30 -19.73 -0.85
N GLN B 39 8.06 -18.64 -0.79
CA GLN B 39 9.48 -18.69 -1.11
C GLN B 39 10.18 -17.60 -0.31
N ALA B 40 11.04 -18.01 0.63
CA ALA B 40 11.76 -17.07 1.47
C ALA B 40 12.83 -16.34 0.67
N PRO B 41 13.31 -15.20 1.16
CA PRO B 41 14.42 -14.51 0.48
C PRO B 41 15.67 -15.38 0.43
N GLY B 42 16.18 -15.61 -0.78
CA GLY B 42 17.38 -16.38 -0.97
C GLY B 42 17.21 -17.89 -0.94
N GLN B 43 15.99 -18.38 -0.82
CA GLN B 43 15.71 -19.81 -0.77
C GLN B 43 14.76 -20.19 -1.89
N GLY B 44 14.43 -21.49 -1.95
CA GLY B 44 13.60 -22.02 -3.00
C GLY B 44 12.13 -22.08 -2.60
N PRO B 45 11.29 -22.51 -3.54
CA PRO B 45 9.86 -22.61 -3.23
C PRO B 45 9.57 -23.69 -2.20
N GLU B 46 8.50 -23.48 -1.45
CA GLU B 46 8.04 -24.43 -0.44
C GLU B 46 6.53 -24.54 -0.55
N TRP B 47 6.04 -25.71 -0.93
CA TRP B 47 4.60 -25.92 -1.03
C TRP B 47 3.97 -25.85 0.36
N MET B 48 2.90 -25.06 0.48
CA MET B 48 2.20 -24.88 1.75
C MET B 48 0.89 -25.65 1.82
N GLY B 49 0.08 -25.60 0.77
CA GLY B 49 -1.18 -26.31 0.80
C GLY B 49 -1.91 -26.19 -0.52
N GLY B 50 -3.14 -26.69 -0.52
CA GLY B 50 -3.98 -26.61 -1.70
C GLY B 50 -5.44 -26.78 -1.34
N ILE B 51 -6.28 -26.53 -2.34
CA ILE B 51 -7.73 -26.68 -2.17
C ILE B 51 -8.35 -27.01 -3.52
N VAL B 52 -9.40 -27.82 -3.49
CA VAL B 52 -10.24 -28.09 -4.66
C VAL B 52 -11.55 -27.34 -4.44
N PRO B 53 -11.81 -26.26 -5.18
CA PRO B 53 -12.95 -25.39 -4.83
C PRO B 53 -14.31 -26.05 -4.96
N LEU B 54 -14.43 -27.17 -5.68
CA LEU B 54 -15.74 -27.78 -5.89
C LEU B 54 -16.40 -28.16 -4.57
N PHE B 55 -15.74 -29.03 -3.79
CA PHE B 55 -16.23 -29.42 -2.48
C PHE B 55 -15.32 -28.94 -1.36
N SER B 56 -14.48 -27.94 -1.64
CA SER B 56 -13.60 -27.33 -0.63
C SER B 56 -12.70 -28.37 0.04
N ILE B 57 -12.17 -29.29 -0.77
CA ILE B 57 -11.30 -30.36 -0.29
C ILE B 57 -9.90 -29.76 -0.13
N VAL B 58 -9.50 -29.48 1.09
CA VAL B 58 -8.23 -28.83 1.36
C VAL B 58 -7.17 -29.89 1.67
N ASN B 59 -5.92 -29.52 1.42
CA ASN B 59 -4.77 -30.38 1.73
C ASN B 59 -3.66 -29.48 2.23
N TYR B 60 -3.39 -29.55 3.53
CA TYR B 60 -2.42 -28.67 4.18
C TYR B 60 -1.11 -29.40 4.42
N GLY B 61 -0.02 -28.65 4.35
CA GLY B 61 1.28 -29.21 4.70
C GLY B 61 1.34 -29.55 6.18
N GLN B 62 1.97 -30.68 6.49
CA GLN B 62 2.09 -31.10 7.88
C GLN B 62 2.81 -30.06 8.72
N LYS B 63 3.72 -29.31 8.12
CA LYS B 63 4.43 -28.25 8.84
C LYS B 63 3.50 -27.11 9.23
N PHE B 64 2.52 -26.79 8.38
CA PHE B 64 1.66 -25.64 8.57
C PHE B 64 0.29 -26.00 9.13
N GLN B 65 0.07 -27.25 9.54
CA GLN B 65 -1.23 -27.64 10.06
C GLN B 65 -1.47 -27.00 11.42
N GLY B 66 -2.74 -26.70 11.70
CA GLY B 66 -3.11 -25.94 12.87
C GLY B 66 -2.88 -24.45 12.76
N ARG B 67 -2.25 -23.99 11.69
CA ARG B 67 -1.95 -22.58 11.50
C ARG B 67 -2.33 -22.07 10.11
N LEU B 68 -2.86 -22.93 9.24
CA LEU B 68 -3.16 -22.59 7.86
C LEU B 68 -4.64 -22.80 7.57
N THR B 69 -5.18 -21.95 6.70
CA THR B 69 -6.57 -22.06 6.28
C THR B 69 -6.66 -21.58 4.83
N ILE B 70 -7.01 -22.50 3.93
CA ILE B 70 -7.20 -22.17 2.52
C ILE B 70 -8.69 -22.26 2.22
N ARG B 71 -9.23 -21.21 1.59
CA ARG B 71 -10.65 -21.13 1.30
C ARG B 71 -10.84 -20.81 -0.17
N ALA B 72 -12.04 -21.11 -0.67
CA ALA B 72 -12.37 -20.88 -2.06
C ALA B 72 -13.77 -20.29 -2.16
N ASP B 73 -13.92 -19.33 -3.06
CA ASP B 73 -15.20 -18.66 -3.32
C ASP B 73 -15.55 -18.90 -4.79
N LYS B 74 -16.44 -19.87 -5.03
CA LYS B 74 -16.79 -20.21 -6.41
C LYS B 74 -17.61 -19.12 -7.08
N SER B 75 -18.36 -18.34 -6.30
CA SER B 75 -19.18 -17.29 -6.89
C SER B 75 -18.33 -16.19 -7.52
N THR B 76 -17.17 -15.90 -6.93
CA THR B 76 -16.27 -14.87 -7.44
C THR B 76 -14.94 -15.44 -7.95
N THR B 77 -14.77 -16.76 -7.96
CA THR B 77 -13.57 -17.45 -8.43
C THR B 77 -12.31 -16.86 -7.79
N THR B 78 -12.20 -17.11 -6.49
CA THR B 78 -11.09 -16.58 -5.69
C THR B 78 -10.61 -17.64 -4.71
N VAL B 79 -9.31 -17.69 -4.49
CA VAL B 79 -8.68 -18.60 -3.55
C VAL B 79 -7.96 -17.78 -2.49
N PHE B 80 -8.10 -18.19 -1.22
CA PHE B 80 -7.59 -17.43 -0.10
C PHE B 80 -6.56 -18.22 0.68
N LEU B 81 -5.79 -17.50 1.50
CA LEU B 81 -4.75 -18.10 2.33
C LEU B 81 -4.74 -17.38 3.67
N ASP B 82 -5.21 -18.05 4.71
CA ASP B 82 -5.20 -17.51 6.07
C ASP B 82 -4.04 -18.15 6.83
N LEU B 83 -3.09 -17.33 7.27
CA LEU B 83 -1.92 -17.79 8.01
C LEU B 83 -1.84 -17.00 9.32
N SER B 84 -2.00 -17.71 10.44
CA SER B 84 -1.99 -17.10 11.76
C SER B 84 -0.64 -17.27 12.43
N GLY B 85 -0.49 -16.61 13.59
CA GLY B 85 0.73 -16.69 14.38
C GLY B 85 2.01 -16.40 13.61
N LEU B 86 2.04 -15.26 12.91
CA LEU B 86 3.16 -14.96 12.03
C LEU B 86 4.44 -14.72 12.81
N THR B 87 5.56 -15.21 12.26
CA THR B 87 6.88 -15.03 12.84
C THR B 87 7.82 -14.48 11.77
N SER B 88 9.07 -14.23 12.17
CA SER B 88 10.06 -13.75 11.20
C SER B 88 10.33 -14.78 10.12
N ALA B 89 10.17 -16.07 10.44
CA ALA B 89 10.36 -17.14 9.47
C ALA B 89 9.25 -17.21 8.44
N ASP B 90 8.23 -16.36 8.54
CA ASP B 90 7.14 -16.32 7.58
C ASP B 90 7.25 -15.16 6.61
N THR B 91 8.30 -14.33 6.73
CA THR B 91 8.55 -13.25 5.78
C THR B 91 9.03 -13.84 4.46
N ALA B 92 8.17 -13.81 3.45
CA ALA B 92 8.49 -14.44 2.16
C ALA B 92 7.54 -13.89 1.11
N THR B 93 7.64 -14.45 -0.09
CA THR B 93 6.73 -14.16 -1.19
C THR B 93 5.79 -15.35 -1.36
N TYR B 94 4.49 -15.08 -1.34
CA TYR B 94 3.48 -16.13 -1.37
C TYR B 94 2.84 -16.16 -2.75
N TYR B 95 2.98 -17.29 -3.44
CA TYR B 95 2.44 -17.47 -4.78
C TYR B 95 1.22 -18.39 -4.72
N CYS B 96 0.20 -18.04 -5.50
CA CYS B 96 -0.96 -18.90 -5.69
CA CYS B 96 -0.98 -18.87 -5.70
C CYS B 96 -0.88 -19.48 -7.09
N ALA B 97 -0.86 -20.80 -7.18
CA ALA B 97 -0.66 -21.49 -8.44
C ALA B 97 -1.80 -22.46 -8.70
N ARG B 98 -2.32 -22.45 -9.93
CA ARG B 98 -3.32 -23.42 -10.38
C ARG B 98 -2.64 -24.46 -11.25
N GLU B 99 -3.14 -25.69 -11.18
CA GLU B 99 -2.58 -26.76 -12.01
C GLU B 99 -2.94 -26.54 -13.48
N GLY B 100 -2.37 -27.38 -14.33
CA GLY B 100 -2.54 -27.26 -15.76
C GLY B 100 -3.52 -28.26 -16.34
N GLU B 101 -4.01 -27.95 -17.53
CA GLU B 101 -4.94 -28.80 -18.25
C GLU B 101 -4.27 -29.35 -19.50
N GLY B 102 -4.45 -30.64 -19.74
CA GLY B 102 -3.87 -31.29 -20.91
C GLY B 102 -4.90 -31.73 -21.91
N TRP B 103 -4.76 -32.97 -22.40
CA TRP B 103 -5.73 -33.53 -23.33
C TRP B 103 -7.08 -33.66 -22.65
N PHE B 104 -8.07 -32.93 -23.18
CA PHE B 104 -9.41 -32.87 -22.59
C PHE B 104 -9.37 -32.29 -21.18
N GLY B 105 -8.37 -31.47 -20.89
CA GLY B 105 -8.27 -30.84 -19.59
C GLY B 105 -7.90 -31.78 -18.45
N LYS B 106 -7.13 -32.82 -18.74
CA LYS B 106 -6.68 -33.75 -17.73
C LYS B 106 -5.86 -33.01 -16.68
N PRO B 107 -6.29 -33.02 -15.41
CA PRO B 107 -5.51 -32.32 -14.38
C PRO B 107 -4.11 -32.89 -14.23
N LEU B 108 -3.11 -32.10 -14.63
CA LEU B 108 -1.73 -32.54 -14.62
C LEU B 108 -1.06 -32.43 -13.25
N ARG B 109 -1.79 -31.95 -12.24
CA ARG B 109 -1.29 -31.84 -10.87
C ARG B 109 -0.18 -30.81 -10.73
N ALA B 110 0.80 -30.83 -11.64
CA ALA B 110 1.89 -29.85 -11.59
C ALA B 110 1.34 -28.45 -11.80
N PHE B 111 2.03 -27.47 -11.22
CA PHE B 111 1.56 -26.09 -11.24
C PHE B 111 2.01 -25.43 -12.53
N GLU B 112 1.06 -25.01 -13.36
CA GLU B 112 1.37 -24.36 -14.63
C GLU B 112 1.15 -22.85 -14.60
N PHE B 113 0.07 -22.39 -13.98
CA PHE B 113 -0.26 -20.97 -13.93
C PHE B 113 0.04 -20.42 -12.54
N TRP B 114 0.69 -19.27 -12.48
CA TRP B 114 1.09 -18.66 -11.23
C TRP B 114 0.63 -17.21 -11.17
N GLY B 115 0.43 -16.71 -9.96
CA GLY B 115 0.13 -15.31 -9.74
C GLY B 115 1.38 -14.46 -9.73
N GLN B 116 1.17 -13.16 -9.51
CA GLN B 116 2.30 -12.24 -9.45
C GLN B 116 3.04 -12.28 -8.12
N GLY B 117 2.45 -12.90 -7.10
CA GLY B 117 3.10 -13.02 -5.81
C GLY B 117 2.68 -11.93 -4.85
N THR B 118 2.71 -12.26 -3.56
CA THR B 118 2.38 -11.32 -2.50
C THR B 118 3.53 -11.31 -1.51
N VAL B 119 4.15 -10.14 -1.33
CA VAL B 119 5.30 -9.99 -0.44
C VAL B 119 4.78 -9.66 0.96
N ILE B 120 5.09 -10.52 1.92
CA ILE B 120 4.67 -10.36 3.30
C ILE B 120 5.91 -10.15 4.15
N THR B 121 6.00 -8.98 4.78
CA THR B 121 7.13 -8.63 5.66
C THR B 121 6.63 -8.69 7.10
N VAL B 122 7.03 -9.74 7.81
CA VAL B 122 6.59 -9.94 9.20
C VAL B 122 7.65 -9.29 10.09
N SER B 123 7.41 -8.04 10.45
CA SER B 123 8.32 -7.29 11.30
C SER B 123 7.54 -6.17 11.97
N SER B 124 8.00 -5.78 13.16
CA SER B 124 7.37 -4.73 13.94
C SER B 124 7.90 -3.35 13.59
N ALA B 125 9.13 -3.27 13.09
CA ALA B 125 9.84 -2.01 12.92
C ALA B 125 8.97 -0.98 12.20
N SER B 126 8.98 0.23 12.73
CA SER B 126 8.18 1.31 12.17
C SER B 126 8.70 1.71 10.80
N THR B 127 7.79 2.15 9.94
CA THR B 127 8.16 2.59 8.60
C THR B 127 9.12 3.77 8.67
N LYS B 128 10.32 3.60 8.12
CA LYS B 128 11.37 4.60 8.22
C LYS B 128 12.01 4.82 6.86
N GLY B 129 12.40 6.07 6.58
CA GLY B 129 13.13 6.39 5.38
C GLY B 129 14.62 6.17 5.56
N PRO B 130 15.36 6.12 4.46
CA PRO B 130 16.78 5.78 4.54
C PRO B 130 17.70 6.99 4.66
N SER B 131 18.82 6.77 5.36
CA SER B 131 19.91 7.74 5.44
C SER B 131 20.93 7.39 4.37
N VAL B 132 21.18 8.33 3.46
CA VAL B 132 22.06 8.11 2.32
C VAL B 132 23.43 8.72 2.63
N PHE B 133 24.46 7.89 2.63
CA PHE B 133 25.82 8.33 2.91
C PHE B 133 26.72 8.10 1.72
N PRO B 134 27.57 9.06 1.36
CA PRO B 134 28.35 8.94 0.13
C PRO B 134 29.55 8.01 0.30
N LEU B 135 29.73 7.12 -0.67
CA LEU B 135 30.95 6.32 -0.80
C LEU B 135 31.87 7.07 -1.76
N ALA B 136 32.66 7.97 -1.21
CA ALA B 136 33.47 8.87 -2.04
C ALA B 136 34.55 8.10 -2.79
N PRO B 137 34.87 8.53 -4.02
CA PRO B 137 35.96 7.89 -4.76
C PRO B 137 37.30 8.18 -4.10
N SER B 138 38.12 7.13 -4.02
CA SER B 138 39.40 7.23 -3.31
C SER B 138 40.32 8.26 -3.96
N SER B 139 41.10 8.94 -3.13
CA SER B 139 42.07 9.90 -3.63
C SER B 139 43.26 9.21 -4.28
N LYS B 140 43.44 7.91 -4.04
CA LYS B 140 44.52 7.13 -4.64
C LYS B 140 44.07 6.36 -5.87
N SER B 141 43.11 6.89 -6.62
CA SER B 141 42.64 6.22 -7.83
C SER B 141 43.71 6.22 -8.91
N THR B 142 43.63 5.22 -9.79
CA THR B 142 44.62 5.08 -10.86
C THR B 142 44.55 6.28 -11.81
N SER B 143 45.64 7.04 -11.87
CA SER B 143 45.73 8.18 -12.78
C SER B 143 45.59 7.72 -14.22
N GLY B 144 44.46 8.04 -14.85
CA GLY B 144 44.16 7.55 -16.17
C GLY B 144 43.50 6.19 -16.20
N GLY B 145 42.95 5.72 -15.09
CA GLY B 145 42.30 4.42 -15.03
C GLY B 145 40.84 4.50 -14.65
N THR B 146 40.40 3.61 -13.76
CA THR B 146 39.00 3.52 -13.36
C THR B 146 38.86 3.86 -11.88
N ALA B 147 37.82 4.63 -11.57
CA ALA B 147 37.48 4.98 -10.20
C ALA B 147 36.10 4.41 -9.86
N ALA B 148 35.83 4.28 -8.58
CA ALA B 148 34.58 3.72 -8.10
C ALA B 148 34.01 4.60 -6.98
N LEU B 149 32.73 4.94 -7.10
CA LEU B 149 32.03 5.71 -6.08
C LEU B 149 30.63 5.12 -5.93
N GLY B 150 29.88 5.63 -4.96
CA GLY B 150 28.54 5.12 -4.73
C GLY B 150 27.90 5.78 -3.53
N CYS B 151 26.72 5.27 -3.19
CA CYS B 151 25.94 5.73 -2.05
CA CYS B 151 25.95 5.73 -2.04
C CYS B 151 25.53 4.54 -1.20
N LEU B 152 25.55 4.74 0.12
CA LEU B 152 25.12 3.73 1.07
C LEU B 152 23.72 4.08 1.56
N VAL B 153 22.75 3.23 1.20
CA VAL B 153 21.36 3.39 1.61
C VAL B 153 21.17 2.56 2.87
N LYS B 154 21.25 3.21 4.03
CA LYS B 154 21.29 2.51 5.31
C LYS B 154 20.03 2.78 6.12
N ASP B 155 19.54 1.74 6.81
CA ASP B 155 18.46 1.83 7.78
C ASP B 155 17.16 2.36 7.17
N TYR B 156 16.35 1.47 6.61
CA TYR B 156 15.06 1.84 6.06
C TYR B 156 14.13 0.64 6.15
N PHE B 157 12.83 0.91 6.26
CA PHE B 157 11.82 -0.13 6.38
C PHE B 157 10.50 0.38 5.82
N PRO B 158 9.79 -0.44 5.03
CA PRO B 158 10.29 -1.73 4.57
C PRO B 158 10.92 -1.65 3.19
N GLU B 159 11.08 -2.80 2.54
CA GLU B 159 11.45 -2.81 1.14
C GLU B 159 10.32 -2.23 0.29
N PRO B 160 10.63 -1.76 -0.92
CA PRO B 160 11.96 -1.63 -1.54
C PRO B 160 12.45 -0.20 -1.64
N VAL B 161 13.65 -0.03 -2.18
CA VAL B 161 14.24 1.26 -2.47
C VAL B 161 14.75 1.25 -3.90
N THR B 162 14.39 2.27 -4.68
CA THR B 162 14.85 2.41 -6.05
C THR B 162 15.98 3.44 -6.09
N VAL B 163 17.11 3.04 -6.67
CA VAL B 163 18.30 3.88 -6.74
C VAL B 163 18.63 4.14 -8.20
N SER B 164 18.82 5.42 -8.54
CA SER B 164 19.25 5.84 -9.87
C SER B 164 20.44 6.78 -9.72
N TRP B 165 21.07 7.11 -10.84
CA TRP B 165 22.26 7.94 -10.86
C TRP B 165 22.09 9.05 -11.88
N ASN B 166 22.34 10.30 -11.45
CA ASN B 166 22.17 11.48 -12.30
C ASN B 166 20.77 11.50 -12.91
N SER B 167 19.77 11.23 -12.09
CA SER B 167 18.36 11.21 -12.48
C SER B 167 18.06 10.18 -13.56
N GLY B 168 18.95 9.21 -13.77
CA GLY B 168 18.75 8.20 -14.77
C GLY B 168 19.59 8.36 -16.03
N ALA B 169 20.40 9.42 -16.11
CA ALA B 169 21.27 9.58 -17.27
C ALA B 169 22.43 8.60 -17.26
N LEU B 170 23.01 8.36 -16.09
CA LEU B 170 24.12 7.44 -15.94
C LEU B 170 23.59 6.04 -15.59
N THR B 171 23.85 5.07 -16.47
CA THR B 171 23.38 3.71 -16.26
C THR B 171 24.52 2.71 -16.37
N SER B 172 25.50 3.01 -17.20
CA SER B 172 26.60 2.08 -17.45
C SER B 172 27.50 1.95 -16.23
N GLY B 173 27.83 0.72 -15.87
CA GLY B 173 28.71 0.47 -14.75
C GLY B 173 28.09 0.68 -13.39
N VAL B 174 26.75 0.69 -13.30
CA VAL B 174 26.04 0.88 -12.05
C VAL B 174 25.66 -0.49 -11.50
N HIS B 175 25.99 -0.72 -10.23
CA HIS B 175 25.62 -1.95 -9.52
C HIS B 175 24.89 -1.57 -8.26
N THR B 176 23.60 -1.89 -8.19
CA THR B 176 22.78 -1.68 -7.00
C THR B 176 22.55 -3.04 -6.35
N PHE B 177 23.24 -3.28 -5.24
CA PHE B 177 23.24 -4.60 -4.62
C PHE B 177 21.88 -4.91 -4.01
N PRO B 178 21.55 -6.19 -3.86
CA PRO B 178 20.35 -6.56 -3.09
C PRO B 178 20.50 -6.15 -1.64
N ALA B 179 19.40 -5.69 -1.06
CA ALA B 179 19.42 -5.23 0.32
C ALA B 179 19.64 -6.40 1.28
N VAL B 180 20.26 -6.09 2.41
CA VAL B 180 20.47 -7.06 3.48
C VAL B 180 19.68 -6.62 4.70
N LEU B 181 19.18 -7.60 5.45
CA LEU B 181 18.42 -7.33 6.67
C LEU B 181 19.39 -7.26 7.84
N GLN B 182 19.55 -6.07 8.42
CA GLN B 182 20.46 -5.87 9.53
C GLN B 182 19.89 -6.46 10.81
N SER B 183 20.75 -6.56 11.83
CA SER B 183 20.30 -7.08 13.12
C SER B 183 19.28 -6.16 13.77
N SER B 184 19.33 -4.87 13.46
CA SER B 184 18.40 -3.89 14.01
C SER B 184 17.00 -4.00 13.42
N GLY B 185 16.77 -4.94 12.52
CA GLY B 185 15.47 -5.06 11.88
C GLY B 185 15.24 -4.16 10.69
N LEU B 186 16.21 -3.29 10.37
CA LEU B 186 16.13 -2.40 9.24
C LEU B 186 16.97 -2.93 8.08
N TYR B 187 16.63 -2.47 6.88
CA TYR B 187 17.32 -2.90 5.67
C TYR B 187 18.44 -1.93 5.32
N SER B 188 19.34 -2.38 4.45
CA SER B 188 20.46 -1.56 4.00
C SER B 188 21.02 -2.16 2.72
N LEU B 189 21.37 -1.29 1.77
CA LEU B 189 21.99 -1.71 0.53
C LEU B 189 23.00 -0.65 0.09
N SER B 190 23.77 -0.98 -0.94
CA SER B 190 24.77 -0.08 -1.50
C SER B 190 24.64 -0.07 -3.01
N SER B 191 24.84 1.11 -3.61
CA SER B 191 24.75 1.27 -5.06
C SER B 191 26.01 1.98 -5.53
N VAL B 192 26.84 1.28 -6.28
CA VAL B 192 28.13 1.78 -6.71
C VAL B 192 28.14 1.96 -8.23
N VAL B 193 29.05 2.82 -8.69
CA VAL B 193 29.22 3.05 -10.12
C VAL B 193 30.70 3.34 -10.37
N THR B 194 31.22 2.78 -11.46
CA THR B 194 32.61 2.95 -11.86
C THR B 194 32.68 3.94 -13.03
N VAL B 195 33.54 4.95 -12.90
CA VAL B 195 33.62 6.02 -13.88
C VAL B 195 35.09 6.27 -14.21
N PRO B 196 35.36 6.90 -15.35
CA PRO B 196 36.74 7.28 -15.67
C PRO B 196 37.30 8.27 -14.66
N SER B 197 38.54 8.03 -14.23
CA SER B 197 39.15 8.86 -13.20
C SER B 197 39.34 10.30 -13.67
N SER B 198 39.47 10.51 -14.98
CA SER B 198 39.66 11.85 -15.54
C SER B 198 38.41 12.71 -15.47
N SER B 199 37.28 12.15 -15.01
CA SER B 199 36.03 12.91 -14.90
C SER B 199 35.59 13.11 -13.45
N LEU B 200 36.43 12.74 -12.49
CA LEU B 200 36.05 12.93 -11.09
C LEU B 200 36.06 14.40 -10.71
N GLY B 201 36.98 15.18 -11.28
CA GLY B 201 37.10 16.58 -10.93
C GLY B 201 36.17 17.52 -11.68
N THR B 202 35.54 17.05 -12.75
CA THR B 202 34.65 17.88 -13.56
C THR B 202 33.21 17.40 -13.52
N GLN B 203 32.97 16.14 -13.83
CA GLN B 203 31.61 15.61 -13.85
C GLN B 203 31.04 15.50 -12.44
N THR B 204 29.78 15.89 -12.29
CA THR B 204 29.07 15.83 -11.02
C THR B 204 28.20 14.58 -10.98
N TYR B 205 28.43 13.74 -9.98
CA TYR B 205 27.71 12.49 -9.80
C TYR B 205 26.75 12.62 -8.61
N ILE B 206 25.48 12.33 -8.86
CA ILE B 206 24.44 12.44 -7.84
C ILE B 206 23.62 11.15 -7.83
N CYS B 207 23.46 10.56 -6.66
CA CYS B 207 22.70 9.34 -6.48
CA CYS B 207 22.70 9.34 -6.47
C CYS B 207 21.30 9.68 -5.98
N ASN B 208 20.28 9.07 -6.57
CA ASN B 208 18.89 9.34 -6.26
C ASN B 208 18.28 8.13 -5.58
N VAL B 209 17.93 8.28 -4.31
CA VAL B 209 17.31 7.23 -3.52
C VAL B 209 15.85 7.60 -3.29
N ASN B 210 14.95 6.68 -3.61
CA ASN B 210 13.51 6.91 -3.49
C ASN B 210 12.90 5.76 -2.69
N HIS B 211 12.26 6.10 -1.58
CA HIS B 211 11.59 5.13 -0.71
C HIS B 211 10.11 5.47 -0.65
N LYS B 212 9.27 4.63 -1.26
CA LYS B 212 7.84 4.92 -1.33
C LYS B 212 7.15 4.77 0.01
N PRO B 213 7.35 3.70 0.79
CA PRO B 213 6.59 3.58 2.05
C PRO B 213 6.80 4.72 3.01
N SER B 214 7.97 5.37 2.99
CA SER B 214 8.21 6.54 3.82
C SER B 214 8.05 7.85 3.06
N ASN B 215 7.70 7.79 1.78
CA ASN B 215 7.55 8.98 0.93
C ASN B 215 8.82 9.83 0.94
N THR B 216 9.97 9.16 0.89
CA THR B 216 11.27 9.81 1.03
C THR B 216 11.99 9.84 -0.31
N LYS B 217 12.39 11.03 -0.73
CA LYS B 217 13.17 11.24 -1.95
C LYS B 217 14.43 11.99 -1.56
N VAL B 218 15.58 11.32 -1.66
CA VAL B 218 16.86 11.89 -1.26
C VAL B 218 17.78 11.94 -2.47
N ASP B 219 18.38 13.10 -2.71
CA ASP B 219 19.41 13.28 -3.72
C ASP B 219 20.71 13.61 -3.02
N LYS B 220 21.73 12.77 -3.23
CA LYS B 220 23.02 12.91 -2.56
C LYS B 220 24.11 13.05 -3.59
N LYS B 221 24.94 14.10 -3.44
CA LYS B 221 26.05 14.34 -4.35
C LYS B 221 27.31 13.67 -3.79
N VAL B 222 27.95 12.84 -4.60
CA VAL B 222 29.19 12.16 -4.23
C VAL B 222 30.35 12.85 -4.95
N GLU B 223 31.31 13.32 -4.18
CA GLU B 223 32.46 14.05 -4.70
C GLU B 223 33.72 13.54 -4.02
N PRO B 224 34.88 13.72 -4.66
CA PRO B 224 36.10 13.07 -4.13
C PRO B 224 36.52 13.67 -2.80
N LYS B 225 37.48 13.01 -2.15
CA LYS B 225 37.98 13.49 -0.86
C LYS B 225 39.31 14.23 -1.04
N VAL C 2 -22.59 26.72 -15.89
CA VAL C 2 -23.80 26.69 -15.09
C VAL C 2 -23.47 26.36 -13.63
N VAL C 3 -24.01 27.15 -12.71
CA VAL C 3 -23.75 27.02 -11.29
C VAL C 3 -25.02 26.52 -10.61
N MET C 4 -24.93 25.34 -9.99
CA MET C 4 -26.05 24.77 -9.26
C MET C 4 -25.99 25.21 -7.81
N THR C 5 -27.12 25.66 -7.27
CA THR C 5 -27.20 26.13 -5.89
C THR C 5 -28.36 25.42 -5.20
N GLN C 6 -28.05 24.69 -4.14
CA GLN C 6 -29.05 23.92 -3.41
C GLN C 6 -29.55 24.72 -2.21
N SER C 7 -30.75 24.36 -1.75
CA SER C 7 -31.39 25.06 -0.68
C SER C 7 -32.22 24.09 0.17
N PRO C 8 -32.09 24.14 1.49
CA PRO C 8 -31.13 25.03 2.17
C PRO C 8 -29.76 24.38 2.31
N GLY C 9 -28.86 25.04 3.04
CA GLY C 9 -27.57 24.42 3.34
C GLY C 9 -27.72 23.26 4.29
N THR C 10 -28.46 23.47 5.38
CA THR C 10 -28.80 22.42 6.33
C THR C 10 -30.31 22.46 6.57
N LEU C 11 -30.92 21.29 6.63
CA LEU C 11 -32.37 21.17 6.84
C LEU C 11 -32.60 20.23 8.01
N SER C 12 -33.13 20.76 9.10
CA SER C 12 -33.38 20.00 10.32
C SER C 12 -34.85 19.59 10.34
N LEU C 13 -35.09 18.28 10.21
CA LEU C 13 -36.44 17.72 10.21
C LEU C 13 -36.49 16.55 11.18
N SER C 14 -37.68 15.95 11.29
CA SER C 14 -37.96 14.86 12.22
C SER C 14 -38.24 13.57 11.47
N PRO C 15 -37.95 12.41 12.08
CA PRO C 15 -38.23 11.13 11.42
C PRO C 15 -39.72 10.93 11.19
N GLY C 16 -40.11 10.86 9.92
CA GLY C 16 -41.49 10.70 9.52
C GLY C 16 -42.08 11.92 8.84
N GLU C 17 -41.42 13.06 8.90
CA GLU C 17 -41.92 14.29 8.30
C GLU C 17 -41.69 14.28 6.80
N ARG C 18 -42.27 15.27 6.13
CA ARG C 18 -42.10 15.43 4.68
C ARG C 18 -40.93 16.37 4.41
N ALA C 19 -40.08 16.00 3.46
CA ALA C 19 -38.88 16.76 3.15
C ALA C 19 -38.91 17.23 1.71
N THR C 20 -38.45 18.46 1.49
CA THR C 20 -38.35 19.06 0.16
C THR C 20 -37.05 19.82 0.05
N LEU C 21 -36.24 19.47 -0.95
CA LEU C 21 -34.94 20.09 -1.19
C LEU C 21 -34.95 20.77 -2.54
N SER C 22 -34.42 21.99 -2.61
CA SER C 22 -34.48 22.81 -3.81
C SER C 22 -33.11 22.87 -4.49
N CYS C 23 -33.13 22.99 -5.81
CA CYS C 23 -31.92 23.12 -6.62
C CYS C 23 -32.21 24.12 -7.72
N ARG C 24 -31.46 25.24 -7.71
CA ARG C 24 -31.64 26.31 -8.69
C ARG C 24 -30.42 26.34 -9.60
N ALA C 25 -30.68 26.43 -10.90
CA ALA C 25 -29.63 26.50 -11.90
C ALA C 25 -29.48 27.93 -12.39
N SER C 26 -28.23 28.34 -12.64
CA SER C 26 -27.97 29.67 -13.17
C SER C 26 -28.50 29.81 -14.60
N GLN C 27 -28.53 28.72 -15.35
CA GLN C 27 -29.03 28.70 -16.72
C GLN C 27 -30.00 27.54 -16.86
N SER C 28 -31.02 27.73 -17.70
CA SER C 28 -32.01 26.69 -17.95
C SER C 28 -31.33 25.40 -18.39
N VAL C 29 -31.65 24.31 -17.70
CA VAL C 29 -31.09 23.00 -17.98
C VAL C 29 -31.84 22.38 -19.17
N SER C 30 -31.11 22.05 -20.23
CA SER C 30 -31.71 21.50 -21.43
C SER C 30 -32.11 20.04 -21.24
N GLY C 31 -33.29 19.70 -21.75
CA GLY C 31 -33.73 18.31 -21.81
C GLY C 31 -34.12 17.75 -20.46
N GLY C 32 -34.18 18.63 -19.47
CA GLY C 32 -34.42 18.22 -18.10
C GLY C 32 -33.36 17.30 -17.53
N ALA C 33 -32.09 17.48 -17.92
CA ALA C 33 -31.03 16.61 -17.45
C ALA C 33 -30.59 17.04 -16.05
N LEU C 34 -31.36 16.61 -15.05
CA LEU C 34 -31.11 16.93 -13.66
C LEU C 34 -31.19 15.64 -12.84
N ALA C 35 -30.21 15.43 -11.97
CA ALA C 35 -30.14 14.21 -11.17
C ALA C 35 -29.93 14.56 -9.71
N TRP C 36 -30.44 13.69 -8.85
CA TRP C 36 -30.36 13.84 -7.40
C TRP C 36 -29.66 12.61 -6.84
N TYR C 37 -28.57 12.84 -6.09
CA TYR C 37 -27.76 11.81 -5.49
C TYR C 37 -27.79 11.94 -3.96
N GLN C 38 -27.71 10.79 -3.29
CA GLN C 38 -27.65 10.71 -1.84
C GLN C 38 -26.31 10.14 -1.43
N GLN C 39 -25.70 10.71 -0.38
CA GLN C 39 -24.41 10.25 0.09
C GLN C 39 -24.37 10.28 1.61
N LYS C 40 -23.94 9.17 2.20
CA LYS C 40 -23.65 9.00 3.61
C LYS C 40 -22.14 9.10 3.85
N PRO C 41 -21.71 9.57 5.01
CA PRO C 41 -20.27 9.75 5.26
C PRO C 41 -19.51 8.44 5.13
N GLY C 42 -18.52 8.43 4.23
CA GLY C 42 -17.68 7.27 4.01
C GLY C 42 -18.07 6.44 2.79
N GLN C 43 -19.20 6.74 2.16
CA GLN C 43 -19.70 5.96 1.03
C GLN C 43 -19.72 6.82 -0.23
N ALA C 44 -19.84 6.14 -1.36
CA ALA C 44 -19.99 6.83 -2.63
C ALA C 44 -21.43 7.33 -2.78
N PRO C 45 -21.63 8.39 -3.55
CA PRO C 45 -22.99 8.89 -3.79
C PRO C 45 -23.87 7.81 -4.40
N ARG C 46 -25.17 7.88 -4.08
CA ARG C 46 -26.16 6.92 -4.55
C ARG C 46 -27.18 7.65 -5.41
N LEU C 47 -27.37 7.19 -6.64
CA LEU C 47 -28.30 7.83 -7.56
C LEU C 47 -29.73 7.61 -7.10
N LEU C 48 -30.41 8.69 -6.73
CA LEU C 48 -31.81 8.64 -6.32
C LEU C 48 -32.75 8.98 -7.47
N ILE C 49 -32.46 10.06 -8.21
CA ILE C 49 -33.35 10.53 -9.28
C ILE C 49 -32.50 10.88 -10.50
N TYR C 50 -33.00 10.52 -11.68
CA TYR C 50 -32.39 10.91 -12.95
C TYR C 50 -33.48 11.47 -13.86
N ASP C 51 -33.05 12.23 -14.88
CA ASP C 51 -33.96 12.87 -15.84
C ASP C 51 -35.09 13.60 -15.13
N THR C 52 -34.71 14.45 -14.17
CA THR C 52 -35.61 15.32 -13.40
C THR C 52 -36.56 14.55 -12.48
N SER C 53 -37.32 13.60 -13.04
CA SER C 53 -38.37 12.93 -12.26
C SER C 53 -38.32 11.41 -12.29
N SER C 54 -37.52 10.80 -13.15
CA SER C 54 -37.46 9.35 -13.23
C SER C 54 -36.66 8.78 -12.06
N ARG C 55 -37.00 7.55 -11.67
CA ARG C 55 -36.41 6.92 -10.50
C ARG C 55 -35.83 5.56 -10.88
N PRO C 56 -34.55 5.31 -10.58
CA PRO C 56 -33.96 4.01 -10.92
C PRO C 56 -34.55 2.88 -10.09
N THR C 57 -34.32 1.65 -10.57
CA THR C 57 -34.80 0.48 -9.86
C THR C 57 -34.01 0.27 -8.58
N GLY C 58 -34.73 0.11 -7.47
CA GLY C 58 -34.12 -0.07 -6.16
C GLY C 58 -34.30 1.11 -5.23
N VAL C 59 -34.64 2.28 -5.77
CA VAL C 59 -34.90 3.46 -4.95
C VAL C 59 -36.36 3.44 -4.53
N PRO C 60 -36.67 3.55 -3.25
CA PRO C 60 -38.07 3.45 -2.80
C PRO C 60 -38.92 4.57 -3.37
N GLY C 61 -40.24 4.32 -3.35
CA GLY C 61 -41.20 5.25 -3.93
C GLY C 61 -41.39 6.54 -3.16
N ARG C 62 -40.84 6.63 -1.94
CA ARG C 62 -40.94 7.87 -1.19
C ARG C 62 -40.13 9.01 -1.80
N PHE C 63 -39.20 8.70 -2.70
CA PHE C 63 -38.42 9.73 -3.39
C PHE C 63 -39.10 10.09 -4.69
N SER C 64 -39.30 11.39 -4.93
CA SER C 64 -39.93 11.86 -6.16
C SER C 64 -39.28 13.16 -6.59
N GLY C 65 -38.91 13.24 -7.87
CA GLY C 65 -38.30 14.42 -8.43
C GLY C 65 -39.33 15.26 -9.19
N SER C 66 -39.10 16.57 -9.20
CA SER C 66 -39.99 17.47 -9.92
C SER C 66 -39.24 18.73 -10.29
N GLY C 67 -39.86 19.56 -11.12
CA GLY C 67 -39.29 20.83 -11.52
C GLY C 67 -38.96 20.86 -13.00
N SER C 68 -38.47 22.02 -13.42
CA SER C 68 -38.11 22.26 -14.81
C SER C 68 -37.34 23.58 -14.89
N GLY C 69 -36.85 23.88 -16.09
CA GLY C 69 -36.16 25.12 -16.37
C GLY C 69 -34.97 25.39 -15.47
N THR C 70 -35.17 26.25 -14.47
CA THR C 70 -34.13 26.62 -13.53
C THR C 70 -34.46 26.26 -12.09
N ASP C 71 -35.58 25.58 -11.84
CA ASP C 71 -36.01 25.25 -10.49
C ASP C 71 -36.38 23.78 -10.42
N PHE C 72 -35.69 23.03 -9.56
CA PHE C 72 -35.94 21.60 -9.39
C PHE C 72 -36.07 21.29 -7.91
N SER C 73 -36.76 20.19 -7.61
CA SER C 73 -37.06 19.84 -6.24
C SER C 73 -37.06 18.33 -6.06
N LEU C 74 -36.44 17.88 -4.98
CA LEU C 74 -36.51 16.50 -4.52
C LEU C 74 -37.48 16.43 -3.35
N THR C 75 -38.35 15.41 -3.35
CA THR C 75 -39.40 15.28 -2.36
C THR C 75 -39.33 13.90 -1.73
N ILE C 76 -39.17 13.87 -0.41
CA ILE C 76 -39.26 12.64 0.38
C ILE C 76 -40.58 12.70 1.13
N SER C 77 -41.51 11.81 0.76
CA SER C 77 -42.85 11.86 1.33
C SER C 77 -42.84 11.57 2.82
N ARG C 78 -42.06 10.59 3.25
CA ARG C 78 -41.95 10.23 4.67
C ARG C 78 -40.51 9.89 4.98
N LEU C 79 -39.90 10.67 5.88
CA LEU C 79 -38.50 10.47 6.23
C LEU C 79 -38.32 9.19 7.04
N GLU C 80 -37.40 8.36 6.61
CA GLU C 80 -37.01 7.16 7.32
C GLU C 80 -35.68 7.37 8.02
N PRO C 81 -35.32 6.52 8.98
CA PRO C 81 -34.02 6.70 9.67
C PRO C 81 -32.81 6.63 8.74
N GLU C 82 -32.94 5.96 7.60
CA GLU C 82 -31.82 5.80 6.68
C GLU C 82 -31.79 6.86 5.58
N ASP C 83 -32.61 7.91 5.70
CA ASP C 83 -32.67 8.95 4.67
C ASP C 83 -31.92 10.22 5.07
N PHE C 84 -31.44 10.33 6.30
CA PHE C 84 -30.71 11.51 6.74
C PHE C 84 -29.26 11.42 6.26
N ALA C 85 -28.85 12.39 5.43
CA ALA C 85 -27.57 12.32 4.73
C ALA C 85 -27.35 13.59 3.92
N VAL C 86 -26.36 13.61 3.04
CA VAL C 86 -26.11 14.78 2.19
C VAL C 86 -26.67 14.49 0.80
N TYR C 87 -27.33 15.48 0.22
CA TYR C 87 -27.97 15.33 -1.09
C TYR C 87 -27.36 16.33 -2.06
N TYR C 88 -27.01 15.84 -3.25
CA TYR C 88 -26.35 16.65 -4.27
C TYR C 88 -27.17 16.62 -5.56
N CYS C 89 -27.42 17.79 -6.13
CA CYS C 89 -28.09 17.89 -7.43
C CYS C 89 -27.05 18.18 -8.50
N GLN C 90 -27.15 17.46 -9.62
CA GLN C 90 -26.17 17.51 -10.69
C GLN C 90 -26.86 17.72 -12.02
N GLN C 91 -26.39 18.68 -12.78
CA GLN C 91 -26.87 18.90 -14.14
C GLN C 91 -25.93 18.24 -15.13
N TYR C 92 -26.50 17.86 -16.27
CA TYR C 92 -25.72 17.20 -17.30
C TYR C 92 -26.40 17.41 -18.65
N GLY C 93 -27.01 18.59 -18.82
CA GLY C 93 -27.57 19.01 -20.09
C GLY C 93 -26.55 19.45 -21.11
N THR C 94 -25.40 19.92 -20.67
CA THR C 94 -24.31 20.36 -21.53
C THR C 94 -23.14 19.40 -21.43
N SER C 95 -22.03 19.75 -22.08
CA SER C 95 -20.84 18.93 -22.01
C SER C 95 -20.05 19.13 -20.74
N GLN C 96 -20.36 20.16 -19.95
CA GLN C 96 -19.65 20.47 -18.71
C GLN C 96 -20.62 20.25 -17.54
N SER C 97 -20.62 19.04 -16.99
CA SER C 97 -21.48 18.73 -15.87
C SER C 97 -20.98 19.40 -14.60
N THR C 98 -21.91 19.76 -13.72
CA THR C 98 -21.59 20.44 -12.47
C THR C 98 -22.50 19.92 -11.36
N PHE C 99 -22.00 19.98 -10.13
CA PHE C 99 -22.75 19.59 -8.94
C PHE C 99 -23.07 20.81 -8.10
N GLY C 100 -24.03 20.65 -7.19
CA GLY C 100 -24.32 21.67 -6.21
C GLY C 100 -23.47 21.52 -4.96
N GLN C 101 -23.50 22.56 -4.12
CA GLN C 101 -22.73 22.53 -2.89
C GLN C 101 -23.25 21.49 -1.90
N GLY C 102 -24.50 21.07 -2.05
CA GLY C 102 -25.05 20.00 -1.24
C GLY C 102 -26.01 20.54 -0.19
N THR C 103 -26.98 19.69 0.17
CA THR C 103 -27.94 19.97 1.23
C THR C 103 -27.80 18.88 2.29
N ARG C 104 -27.56 19.28 3.53
CA ARG C 104 -27.40 18.34 4.63
C ARG C 104 -28.76 18.14 5.31
N LEU C 105 -29.26 16.90 5.28
CA LEU C 105 -30.52 16.55 5.91
C LEU C 105 -30.19 15.79 7.19
N GLU C 106 -30.36 16.47 8.32
CA GLU C 106 -30.03 15.96 9.64
C GLU C 106 -31.29 15.85 10.49
N ILE C 107 -31.19 15.08 11.56
CA ILE C 107 -32.32 14.85 12.45
C ILE C 107 -32.46 16.05 13.39
N LYS C 108 -33.66 16.63 13.42
CA LYS C 108 -33.99 17.65 14.40
C LYS C 108 -34.53 16.98 15.65
N ARG C 109 -34.11 17.47 16.81
CA ARG C 109 -34.50 16.84 18.07
C ARG C 109 -34.51 17.90 19.17
N THR C 110 -34.44 17.44 20.41
CA THR C 110 -34.45 18.33 21.56
C THR C 110 -33.12 19.05 21.72
N VAL C 111 -33.18 20.35 21.99
CA VAL C 111 -31.97 21.12 22.25
C VAL C 111 -31.33 20.60 23.53
N ALA C 112 -30.07 20.19 23.44
CA ALA C 112 -29.32 19.65 24.57
C ALA C 112 -28.09 20.51 24.83
N ALA C 113 -27.83 20.77 26.11
CA ALA C 113 -26.66 21.57 26.48
C ALA C 113 -25.40 20.70 26.44
N PRO C 114 -24.30 21.23 25.91
CA PRO C 114 -23.08 20.42 25.82
C PRO C 114 -22.37 20.29 27.16
N SER C 115 -21.87 19.09 27.42
CA SER C 115 -21.01 18.86 28.58
C SER C 115 -19.61 19.34 28.23
N VAL C 116 -19.15 20.40 28.89
CA VAL C 116 -17.90 21.05 28.54
C VAL C 116 -16.81 20.57 29.49
N PHE C 117 -15.73 20.05 28.93
CA PHE C 117 -14.56 19.61 29.68
C PHE C 117 -13.33 20.34 29.15
N ILE C 118 -12.33 20.49 30.01
CA ILE C 118 -11.06 21.08 29.61
C ILE C 118 -9.95 20.13 30.03
N PHE C 119 -8.95 20.00 29.15
CA PHE C 119 -7.85 19.06 29.34
C PHE C 119 -6.55 19.82 29.17
N PRO C 120 -5.71 19.90 30.19
CA PRO C 120 -4.41 20.55 30.06
C PRO C 120 -3.44 19.66 29.30
N PRO C 121 -2.36 20.23 28.77
CA PRO C 121 -1.33 19.39 28.14
C PRO C 121 -0.59 18.56 29.17
N SER C 122 -0.29 17.31 28.81
CA SER C 122 0.41 16.40 29.68
C SER C 122 1.89 16.77 29.78
N ASP C 123 2.54 16.29 30.84
CA ASP C 123 3.97 16.54 31.02
C ASP C 123 4.79 15.88 29.93
N GLU C 124 4.36 14.71 29.45
CA GLU C 124 5.07 14.03 28.38
C GLU C 124 5.09 14.89 27.11
N GLN C 125 3.98 15.57 26.82
CA GLN C 125 3.96 16.45 25.66
C GLN C 125 4.77 17.72 25.92
N LEU C 126 4.74 18.21 27.17
CA LEU C 126 5.54 19.39 27.50
C LEU C 126 7.03 19.12 27.36
N LYS C 127 7.44 17.87 27.55
CA LYS C 127 8.84 17.51 27.32
C LYS C 127 9.25 17.60 25.86
N SER C 128 8.29 17.71 24.93
CA SER C 128 8.59 17.74 23.50
C SER C 128 8.73 19.16 22.96
N GLY C 129 8.28 20.18 23.70
CA GLY C 129 8.42 21.56 23.29
C GLY C 129 7.12 22.24 22.91
N THR C 130 6.02 21.51 22.78
CA THR C 130 4.73 22.07 22.44
C THR C 130 3.71 21.77 23.54
N ALA C 131 2.53 22.38 23.42
CA ALA C 131 1.48 22.21 24.41
C ALA C 131 0.12 22.31 23.73
N SER C 132 -0.76 21.36 24.01
CA SER C 132 -2.10 21.33 23.42
C SER C 132 -3.13 21.29 24.54
N VAL C 133 -3.99 22.30 24.58
CA VAL C 133 -5.11 22.35 25.53
C VAL C 133 -6.37 22.00 24.79
N VAL C 134 -7.13 21.03 25.31
CA VAL C 134 -8.24 20.45 24.57
C VAL C 134 -9.55 20.77 25.30
N CYS C 135 -10.42 21.53 24.65
CA CYS C 135 -11.76 21.79 25.16
C CYS C 135 -12.74 20.88 24.42
N LEU C 136 -13.52 20.12 25.18
CA LEU C 136 -14.44 19.13 24.65
C LEU C 136 -15.87 19.56 24.93
N LEU C 137 -16.71 19.51 23.90
CA LEU C 137 -18.15 19.73 24.01
C LEU C 137 -18.83 18.42 23.66
N ASN C 138 -19.36 17.73 24.68
CA ASN C 138 -19.89 16.39 24.53
C ASN C 138 -21.42 16.44 24.46
N ASN C 139 -21.98 15.84 23.40
CA ASN C 139 -23.40 15.59 23.26
C ASN C 139 -24.25 16.85 23.37
N PHE C 140 -24.58 17.47 22.23
CA PHE C 140 -25.40 18.66 22.23
C PHE C 140 -26.19 18.73 20.94
N TYR C 141 -27.12 19.68 20.88
CA TYR C 141 -27.90 19.99 19.69
C TYR C 141 -28.48 21.38 19.90
N PRO C 142 -28.54 22.24 18.86
CA PRO C 142 -28.13 21.99 17.47
C PRO C 142 -26.62 21.95 17.26
N ARG C 143 -26.22 21.88 15.99
CA ARG C 143 -24.80 21.72 15.66
C ARG C 143 -24.01 23.00 15.90
N GLU C 144 -24.68 24.16 15.79
CA GLU C 144 -23.96 25.43 15.90
C GLU C 144 -23.52 25.69 17.34
N ALA C 145 -22.26 26.11 17.50
CA ALA C 145 -21.70 26.46 18.79
C ALA C 145 -20.61 27.50 18.58
N LYS C 146 -20.18 28.13 19.67
CA LYS C 146 -19.12 29.15 19.62
C LYS C 146 -18.14 28.88 20.75
N VAL C 147 -16.96 28.35 20.41
CA VAL C 147 -15.90 28.11 21.38
C VAL C 147 -14.90 29.26 21.29
N GLN C 148 -14.39 29.66 22.45
CA GLN C 148 -13.41 30.73 22.51
C GLN C 148 -12.37 30.39 23.57
N TRP C 149 -11.13 30.80 23.33
CA TRP C 149 -10.03 30.52 24.23
C TRP C 149 -9.56 31.80 24.89
N LYS C 150 -9.35 31.75 26.20
CA LYS C 150 -8.88 32.88 27.00
C LYS C 150 -7.63 32.45 27.75
N VAL C 151 -6.49 33.01 27.36
CA VAL C 151 -5.21 32.77 28.02
C VAL C 151 -4.89 34.03 28.81
N ASP C 152 -5.15 34.00 30.11
CA ASP C 152 -5.06 35.18 30.98
C ASP C 152 -5.96 36.29 30.46
N ASN C 153 -7.22 35.94 30.23
CA ASN C 153 -8.26 36.87 29.74
C ASN C 153 -7.90 37.51 28.41
N ALA C 154 -7.03 36.87 27.63
CA ALA C 154 -6.67 37.35 26.31
C ALA C 154 -7.38 36.50 25.26
N LEU C 155 -8.12 37.15 24.37
CA LEU C 155 -8.87 36.45 23.34
C LEU C 155 -7.92 35.86 22.31
N GLN C 156 -7.93 34.54 22.16
CA GLN C 156 -7.06 33.86 21.22
C GLN C 156 -7.73 33.81 19.84
N SER C 157 -6.89 33.80 18.80
CA SER C 157 -7.38 33.73 17.44
C SER C 157 -6.26 33.27 16.53
N GLY C 158 -6.52 32.24 15.73
CA GLY C 158 -5.56 31.74 14.77
C GLY C 158 -4.61 30.67 15.28
N ASN C 159 -4.88 30.10 16.46
CA ASN C 159 -4.01 29.08 17.02
C ASN C 159 -4.82 27.94 17.63
N SER C 160 -6.02 27.69 17.11
CA SER C 160 -6.88 26.62 17.61
C SER C 160 -7.65 26.03 16.44
N GLN C 161 -7.81 24.71 16.47
CA GLN C 161 -8.54 23.99 15.43
C GLN C 161 -9.59 23.08 16.08
N GLU C 162 -10.78 23.02 15.48
CA GLU C 162 -11.87 22.25 16.04
C GLU C 162 -12.41 21.28 15.01
N SER C 163 -12.93 20.16 15.49
CA SER C 163 -13.51 19.11 14.66
C SER C 163 -14.81 18.61 15.29
N VAL C 164 -15.77 18.28 14.45
CA VAL C 164 -17.10 17.86 14.86
C VAL C 164 -17.37 16.45 14.34
N THR C 165 -17.94 15.61 15.20
CA THR C 165 -18.36 14.28 14.79
C THR C 165 -19.65 14.33 13.98
N GLU C 166 -19.97 13.23 13.32
CA GLU C 166 -21.24 13.13 12.64
C GLU C 166 -22.37 13.04 13.67
N GLN C 167 -23.59 13.27 13.20
CA GLN C 167 -24.75 13.19 14.08
C GLN C 167 -24.87 11.78 14.64
N ASP C 168 -24.98 11.68 15.97
CA ASP C 168 -25.00 10.39 16.63
C ASP C 168 -26.21 9.57 16.17
N SER C 169 -25.97 8.28 15.94
CA SER C 169 -27.02 7.40 15.45
C SER C 169 -28.07 7.09 16.50
N LYS C 170 -27.75 7.28 17.79
CA LYS C 170 -28.63 6.89 18.87
C LYS C 170 -29.43 8.06 19.45
N ASP C 171 -28.76 9.17 19.79
CA ASP C 171 -29.43 10.32 20.40
C ASP C 171 -29.42 11.55 19.51
N SER C 172 -28.95 11.44 18.26
CA SER C 172 -28.97 12.53 17.29
C SER C 172 -28.23 13.78 17.79
N THR C 173 -27.20 13.58 18.60
CA THR C 173 -26.41 14.68 19.14
C THR C 173 -25.07 14.80 18.40
N TYR C 174 -24.42 15.94 18.60
CA TYR C 174 -23.12 16.22 18.03
C TYR C 174 -22.09 16.38 19.14
N SER C 175 -20.81 16.26 18.77
CA SER C 175 -19.71 16.48 19.70
C SER C 175 -18.62 17.27 19.00
N LEU C 176 -18.00 18.19 19.73
CA LEU C 176 -16.99 19.08 19.18
C LEU C 176 -15.73 19.03 20.02
N SER C 177 -14.58 19.14 19.37
CA SER C 177 -13.29 19.15 20.05
C SER C 177 -12.47 20.30 19.50
N SER C 178 -12.05 21.20 20.39
CA SER C 178 -11.25 22.37 20.01
C SER C 178 -9.89 22.26 20.69
N THR C 179 -8.83 22.18 19.89
CA THR C 179 -7.47 22.06 20.38
C THR C 179 -6.74 23.38 20.17
N LEU C 180 -6.21 23.92 21.25
CA LEU C 180 -5.39 25.12 21.25
C LEU C 180 -3.92 24.69 21.33
N THR C 181 -3.13 25.11 20.36
CA THR C 181 -1.74 24.69 20.24
C THR C 181 -0.82 25.88 20.52
N LEU C 182 0.13 25.68 21.43
CA LEU C 182 1.11 26.71 21.79
C LEU C 182 2.48 26.06 21.90
N SER C 183 3.50 26.90 21.97
CA SER C 183 4.83 26.43 22.32
C SER C 183 4.98 26.39 23.83
N LYS C 184 5.94 25.58 24.29
CA LYS C 184 6.14 25.42 25.73
C LYS C 184 6.47 26.75 26.39
N ALA C 185 7.29 27.58 25.72
CA ALA C 185 7.61 28.90 26.26
C ALA C 185 6.36 29.75 26.42
N ASP C 186 5.57 29.88 25.34
CA ASP C 186 4.34 30.66 25.43
C ASP C 186 3.35 30.06 26.40
N TYR C 187 3.35 28.74 26.54
CA TYR C 187 2.43 28.10 27.48
C TYR C 187 2.80 28.42 28.92
N GLU C 188 4.11 28.46 29.23
CA GLU C 188 4.56 28.76 30.58
C GLU C 188 4.64 30.25 30.87
N LYS C 189 4.38 31.11 29.88
CA LYS C 189 4.33 32.54 30.10
C LYS C 189 3.04 33.00 30.79
N HIS C 190 2.04 32.14 30.88
CA HIS C 190 0.75 32.49 31.44
C HIS C 190 0.32 31.45 32.47
N LYS C 191 -0.80 31.72 33.14
CA LYS C 191 -1.28 30.87 34.21
C LYS C 191 -2.69 30.34 33.95
N VAL C 192 -3.69 31.22 33.84
CA VAL C 192 -5.07 30.80 33.71
C VAL C 192 -5.37 30.48 32.25
N TYR C 193 -5.85 29.27 31.99
CA TYR C 193 -6.28 28.85 30.66
C TYR C 193 -7.73 28.45 30.73
N ALA C 194 -8.57 29.13 29.96
CA ALA C 194 -10.00 28.91 30.00
C ALA C 194 -10.56 28.76 28.60
N CYS C 195 -11.62 27.97 28.49
CA CYS C 195 -12.38 27.85 27.25
CA CYS C 195 -12.39 27.81 27.27
C CYS C 195 -13.83 28.18 27.56
N GLU C 196 -14.37 29.12 26.81
CA GLU C 196 -15.73 29.63 26.98
C GLU C 196 -16.59 29.16 25.82
N VAL C 197 -17.70 28.51 26.15
CA VAL C 197 -18.61 27.92 25.18
C VAL C 197 -19.91 28.71 25.20
N THR C 198 -20.40 29.07 24.01
CA THR C 198 -21.68 29.73 23.82
C THR C 198 -22.53 28.84 22.93
N HIS C 199 -23.72 28.47 23.41
CA HIS C 199 -24.59 27.54 22.70
C HIS C 199 -26.03 27.96 22.93
N GLN C 200 -26.91 27.49 22.04
CA GLN C 200 -28.34 27.78 22.18
C GLN C 200 -28.92 27.17 23.45
N GLY C 201 -28.44 26.00 23.85
CA GLY C 201 -28.92 25.32 25.04
C GLY C 201 -28.35 25.80 26.35
N LEU C 202 -27.59 26.89 26.34
CA LEU C 202 -26.98 27.46 27.54
C LEU C 202 -27.58 28.85 27.80
N SER C 203 -28.03 29.07 29.03
CA SER C 203 -28.54 30.39 29.40
C SER C 203 -27.43 31.43 29.34
N SER C 204 -26.32 31.17 30.04
CA SER C 204 -25.14 32.02 30.00
C SER C 204 -23.94 31.21 29.49
N PRO C 205 -23.03 31.85 28.76
CA PRO C 205 -21.84 31.13 28.27
C PRO C 205 -21.06 30.52 29.43
N VAL C 206 -20.61 29.27 29.22
CA VAL C 206 -19.99 28.49 30.28
C VAL C 206 -18.48 28.49 30.07
N THR C 207 -17.73 28.83 31.12
CA THR C 207 -16.28 28.91 31.05
C THR C 207 -15.68 27.82 31.93
N LYS C 208 -14.86 26.97 31.31
CA LYS C 208 -14.10 25.94 32.03
C LYS C 208 -12.63 26.31 31.99
N SER C 209 -12.01 26.43 33.17
CA SER C 209 -10.67 26.97 33.26
C SER C 209 -9.82 26.09 34.18
N PHE C 210 -8.50 26.25 34.04
CA PHE C 210 -7.54 25.64 34.95
C PHE C 210 -6.33 26.56 35.09
N ASN C 211 -5.59 26.36 36.17
CA ASN C 211 -4.36 27.10 36.43
C ASN C 211 -3.16 26.22 36.12
N ARG C 212 -2.20 26.78 35.38
CA ARG C 212 -1.01 26.02 35.01
C ARG C 212 -0.25 25.57 36.24
N GLY C 213 -0.12 24.27 36.42
CA GLY C 213 0.57 23.71 37.56
C GLY C 213 -0.26 23.75 38.84
N GLU D 1 -24.00 -8.64 -10.95
CA GLU D 1 -24.17 -7.21 -10.72
C GLU D 1 -22.98 -6.42 -11.25
N VAL D 2 -23.22 -5.15 -11.59
CA VAL D 2 -22.15 -4.29 -12.08
C VAL D 2 -21.26 -3.88 -10.93
N GLN D 3 -19.96 -4.05 -11.10
CA GLN D 3 -18.98 -3.71 -10.08
C GLN D 3 -17.84 -2.90 -10.69
N LEU D 4 -17.41 -1.87 -9.96
CA LEU D 4 -16.28 -1.03 -10.36
C LEU D 4 -15.26 -1.06 -9.23
N VAL D 5 -14.13 -1.72 -9.47
CA VAL D 5 -13.07 -1.87 -8.47
C VAL D 5 -11.94 -0.94 -8.86
N GLN D 6 -11.67 0.05 -8.01
CA GLN D 6 -10.60 1.01 -8.27
C GLN D 6 -9.29 0.53 -7.65
N SER D 7 -8.21 1.26 -7.96
CA SER D 7 -6.92 0.98 -7.37
C SER D 7 -6.88 1.51 -5.93
N GLY D 8 -5.79 1.20 -5.23
CA GLY D 8 -5.64 1.60 -3.85
C GLY D 8 -5.30 3.07 -3.70
N GLY D 9 -5.34 3.53 -2.45
CA GLY D 9 -4.95 4.89 -2.15
C GLY D 9 -3.47 5.11 -2.38
N GLU D 10 -3.09 6.40 -2.44
CA GLU D 10 -1.73 6.75 -2.76
C GLU D 10 -1.37 8.06 -2.09
N VAL D 11 -0.06 8.27 -1.93
CA VAL D 11 0.50 9.53 -1.49
C VAL D 11 1.48 9.99 -2.56
N LYS D 12 1.20 11.15 -3.15
CA LYS D 12 1.98 11.68 -4.26
C LYS D 12 2.61 13.01 -3.88
N ARG D 13 3.85 13.23 -4.35
CA ARG D 13 4.55 14.48 -4.10
C ARG D 13 4.06 15.56 -5.07
N PRO D 14 4.16 16.83 -4.69
CA PRO D 14 3.71 17.91 -5.58
C PRO D 14 4.43 17.88 -6.92
N GLY D 15 3.68 18.13 -7.99
CA GLY D 15 4.21 18.12 -9.32
C GLY D 15 4.22 16.78 -10.01
N SER D 16 4.02 15.68 -9.27
CA SER D 16 4.08 14.34 -9.84
C SER D 16 2.80 14.05 -10.63
N SER D 17 2.66 12.83 -11.11
CA SER D 17 1.49 12.39 -11.87
C SER D 17 0.97 11.09 -11.29
N VAL D 18 -0.35 11.01 -11.13
CA VAL D 18 -0.99 9.85 -10.54
C VAL D 18 -1.88 9.17 -11.59
N THR D 19 -2.02 7.86 -11.46
CA THR D 19 -2.85 7.06 -12.35
C THR D 19 -3.76 6.18 -11.51
N VAL D 20 -5.07 6.34 -11.70
CA VAL D 20 -6.08 5.58 -10.96
C VAL D 20 -6.84 4.71 -11.95
N SER D 21 -6.99 3.43 -11.61
CA SER D 21 -7.64 2.46 -12.48
C SER D 21 -9.08 2.23 -12.04
N CYS D 22 -9.83 1.49 -12.87
CA CYS D 22 -11.25 1.24 -12.61
C CYS D 22 -11.66 -0.01 -13.38
N LYS D 23 -11.60 -1.16 -12.70
CA LYS D 23 -11.94 -2.44 -13.30
C LYS D 23 -13.46 -2.62 -13.29
N ALA D 24 -14.07 -2.55 -14.47
CA ALA D 24 -15.52 -2.71 -14.62
C ALA D 24 -15.84 -4.14 -15.02
N THR D 25 -16.71 -4.79 -14.24
CA THR D 25 -17.07 -6.17 -14.48
C THR D 25 -18.57 -6.35 -14.30
N GLY D 26 -19.15 -7.25 -15.09
CA GLY D 26 -20.54 -7.60 -14.96
C GLY D 26 -21.52 -6.63 -15.62
N GLY D 27 -21.19 -6.13 -16.80
CA GLY D 27 -22.08 -5.22 -17.49
C GLY D 27 -21.46 -4.72 -18.78
N THR D 28 -22.23 -3.90 -19.48
CA THR D 28 -21.76 -3.31 -20.73
C THR D 28 -20.67 -2.28 -20.46
N PHE D 29 -19.65 -2.27 -21.32
CA PHE D 29 -18.47 -1.43 -21.13
C PHE D 29 -18.21 -0.51 -22.32
N SER D 30 -18.25 -1.02 -23.54
CA SER D 30 -17.76 -0.26 -24.68
C SER D 30 -18.71 0.87 -25.06
N THR D 31 -20.02 0.66 -24.98
CA THR D 31 -21.00 1.64 -25.45
C THR D 31 -21.63 2.43 -24.32
N LEU D 32 -21.00 2.48 -23.14
CA LEU D 32 -21.50 3.23 -22.01
C LEU D 32 -20.41 4.16 -21.50
N ALA D 33 -20.81 5.38 -21.13
CA ALA D 33 -19.85 6.41 -20.74
C ALA D 33 -19.40 6.20 -19.30
N PHE D 34 -18.08 6.23 -19.09
CA PHE D 34 -17.47 6.19 -17.76
C PHE D 34 -16.95 7.57 -17.42
N ASN D 35 -17.21 8.01 -16.18
CA ASN D 35 -16.84 9.35 -15.75
C ASN D 35 -15.99 9.27 -14.48
N TRP D 36 -15.18 10.29 -14.28
CA TRP D 36 -14.34 10.43 -13.09
C TRP D 36 -14.79 11.66 -12.32
N VAL D 37 -15.17 11.45 -11.06
CA VAL D 37 -15.62 12.53 -10.18
C VAL D 37 -14.81 12.43 -8.90
N ARG D 38 -14.17 13.54 -8.51
CA ARG D 38 -13.41 13.60 -7.28
C ARG D 38 -14.17 14.37 -6.21
N GLN D 39 -13.72 14.25 -4.98
CA GLN D 39 -14.40 14.88 -3.84
C GLN D 39 -13.37 15.22 -2.77
N ALA D 40 -13.12 16.51 -2.58
CA ALA D 40 -12.19 16.95 -1.56
C ALA D 40 -12.78 16.72 -0.17
N PRO D 41 -11.94 16.65 0.86
CA PRO D 41 -12.45 16.47 2.23
C PRO D 41 -13.34 17.63 2.63
N GLY D 42 -14.57 17.30 3.04
CA GLY D 42 -15.55 18.30 3.44
C GLY D 42 -16.25 19.00 2.31
N GLN D 43 -15.95 18.66 1.05
CA GLN D 43 -16.54 19.30 -0.11
C GLN D 43 -17.47 18.33 -0.83
N GLY D 44 -18.15 18.85 -1.84
CA GLY D 44 -19.06 18.05 -2.65
C GLY D 44 -18.37 17.45 -3.85
N PRO D 45 -19.07 16.58 -4.57
CA PRO D 45 -18.49 15.99 -5.78
C PRO D 45 -18.21 17.03 -6.85
N GLU D 46 -17.20 16.75 -7.67
CA GLU D 46 -16.79 17.64 -8.75
C GLU D 46 -16.48 16.79 -9.97
N TRP D 47 -17.31 16.90 -11.01
CA TRP D 47 -17.10 16.14 -12.23
C TRP D 47 -15.84 16.62 -12.94
N MET D 48 -14.95 15.68 -13.26
CA MET D 48 -13.70 15.97 -13.94
C MET D 48 -13.76 15.69 -15.44
N GLY D 49 -14.18 14.49 -15.82
CA GLY D 49 -14.25 14.16 -17.23
C GLY D 49 -14.95 12.83 -17.42
N GLY D 50 -14.98 12.39 -18.67
CA GLY D 50 -15.60 11.13 -19.04
C GLY D 50 -14.95 10.55 -20.27
N ILE D 51 -15.41 9.36 -20.65
CA ILE D 51 -14.91 8.69 -21.85
C ILE D 51 -15.94 7.67 -22.29
N VAL D 52 -16.08 7.52 -23.60
CA VAL D 52 -16.88 6.47 -24.22
C VAL D 52 -15.90 5.46 -24.81
N PRO D 53 -15.77 4.26 -24.23
CA PRO D 53 -14.71 3.34 -24.67
C PRO D 53 -14.84 2.89 -26.11
N LEU D 54 -16.02 3.00 -26.72
CA LEU D 54 -16.23 2.53 -28.08
C LEU D 54 -15.19 3.09 -29.04
N PHE D 55 -15.20 4.40 -29.26
CA PHE D 55 -14.19 5.04 -30.09
C PHE D 55 -13.27 5.95 -29.27
N SER D 56 -13.19 5.73 -27.96
CA SER D 56 -12.33 6.49 -27.05
C SER D 56 -12.61 7.99 -27.17
N ILE D 57 -13.88 8.34 -26.97
CA ILE D 57 -14.35 9.72 -27.05
C ILE D 57 -14.34 10.30 -25.65
N VAL D 58 -13.36 11.15 -25.36
CA VAL D 58 -13.21 11.74 -24.04
C VAL D 58 -13.87 13.11 -24.02
N ASN D 59 -14.25 13.55 -22.82
CA ASN D 59 -14.82 14.88 -22.59
C ASN D 59 -14.29 15.37 -21.25
N TYR D 60 -13.29 16.25 -21.30
CA TYR D 60 -12.66 16.75 -20.09
C TYR D 60 -13.33 18.03 -19.63
N GLY D 61 -13.39 18.21 -18.31
CA GLY D 61 -13.84 19.48 -17.77
C GLY D 61 -12.88 20.59 -18.10
N GLN D 62 -13.43 21.81 -18.23
CA GLN D 62 -12.61 22.95 -18.67
C GLN D 62 -11.48 23.23 -17.69
N LYS D 63 -11.71 23.02 -16.38
CA LYS D 63 -10.67 23.32 -15.40
C LYS D 63 -9.51 22.33 -15.46
N PHE D 64 -9.76 21.11 -15.94
CA PHE D 64 -8.75 20.06 -15.95
C PHE D 64 -8.13 19.82 -17.31
N GLN D 65 -8.47 20.61 -18.32
CA GLN D 65 -7.91 20.40 -19.65
C GLN D 65 -6.42 20.72 -19.65
N GLY D 66 -5.68 19.97 -20.47
CA GLY D 66 -4.23 20.05 -20.50
C GLY D 66 -3.54 19.35 -19.35
N ARG D 67 -4.27 18.94 -18.32
CA ARG D 67 -3.71 18.28 -17.15
C ARG D 67 -4.35 16.93 -16.88
N LEU D 68 -5.36 16.55 -17.65
CA LEU D 68 -6.12 15.34 -17.42
C LEU D 68 -6.06 14.43 -18.64
N THR D 69 -6.11 13.12 -18.40
CA THR D 69 -6.17 12.13 -19.47
C THR D 69 -7.00 10.96 -18.98
N ILE D 70 -8.00 10.57 -19.76
CA ILE D 70 -8.86 9.45 -19.43
C ILE D 70 -8.75 8.42 -20.56
N ARG D 71 -8.42 7.18 -20.19
CA ARG D 71 -8.20 6.11 -21.14
C ARG D 71 -9.16 4.96 -20.87
N ALA D 72 -9.36 4.13 -21.88
CA ALA D 72 -10.29 3.01 -21.80
C ALA D 72 -9.66 1.80 -22.48
N ASP D 73 -9.45 0.74 -21.72
CA ASP D 73 -8.89 -0.51 -22.24
C ASP D 73 -10.04 -1.51 -22.38
N LYS D 74 -10.50 -1.71 -23.61
CA LYS D 74 -11.65 -2.59 -23.82
C LYS D 74 -11.27 -4.06 -23.70
N SER D 75 -10.01 -4.41 -23.94
CA SER D 75 -9.61 -5.80 -23.84
C SER D 75 -9.67 -6.32 -22.40
N THR D 76 -9.62 -5.42 -21.41
CA THR D 76 -9.73 -5.79 -20.01
C THR D 76 -10.86 -5.08 -19.29
N THR D 77 -11.63 -4.24 -19.98
CA THR D 77 -12.71 -3.44 -19.41
C THR D 77 -12.23 -2.68 -18.17
N THR D 78 -11.41 -1.66 -18.44
CA THR D 78 -10.81 -0.85 -17.38
C THR D 78 -10.66 0.58 -17.88
N VAL D 79 -11.09 1.53 -17.06
CA VAL D 79 -10.98 2.95 -17.36
C VAL D 79 -9.90 3.54 -16.47
N PHE D 80 -9.04 4.37 -17.06
CA PHE D 80 -7.88 4.91 -16.37
C PHE D 80 -8.01 6.42 -16.22
N LEU D 81 -7.41 6.95 -15.15
CA LEU D 81 -7.44 8.37 -14.84
C LEU D 81 -6.01 8.86 -14.65
N ASP D 82 -5.52 9.67 -15.57
CA ASP D 82 -4.17 10.21 -15.53
C ASP D 82 -4.24 11.70 -15.23
N LEU D 83 -3.66 12.12 -14.11
CA LEU D 83 -3.65 13.52 -13.69
C LEU D 83 -2.22 13.92 -13.39
N SER D 84 -1.74 14.97 -14.06
CA SER D 84 -0.38 15.45 -13.93
C SER D 84 -0.32 16.70 -13.06
N GLY D 85 0.90 17.13 -12.76
CA GLY D 85 1.15 18.34 -11.99
C GLY D 85 0.31 18.44 -10.73
N LEU D 86 0.44 17.47 -9.84
CA LEU D 86 -0.42 17.41 -8.66
C LEU D 86 -0.06 18.52 -7.66
N THR D 87 -1.09 19.10 -7.06
CA THR D 87 -0.93 20.12 -6.03
C THR D 87 -1.78 19.72 -4.83
N SER D 88 -1.65 20.48 -3.73
CA SER D 88 -2.43 20.20 -2.54
C SER D 88 -3.93 20.33 -2.79
N ALA D 89 -4.32 21.05 -3.84
CA ALA D 89 -5.74 21.15 -4.18
C ALA D 89 -6.27 19.89 -4.85
N ASP D 90 -5.41 18.94 -5.17
CA ASP D 90 -5.81 17.68 -5.80
C ASP D 90 -5.96 16.54 -4.80
N THR D 91 -5.71 16.79 -3.52
CA THR D 91 -5.93 15.78 -2.49
C THR D 91 -7.42 15.57 -2.30
N ALA D 92 -7.93 14.42 -2.78
CA ALA D 92 -9.35 14.16 -2.76
C ALA D 92 -9.57 12.67 -2.94
N THR D 93 -10.83 12.27 -2.92
CA THR D 93 -11.22 10.90 -3.23
C THR D 93 -11.78 10.87 -4.65
N TYR D 94 -11.14 10.10 -5.53
CA TYR D 94 -11.49 10.05 -6.93
C TYR D 94 -12.39 8.85 -7.19
N TYR D 95 -13.60 9.11 -7.66
CA TYR D 95 -14.59 8.08 -7.93
C TYR D 95 -14.72 7.86 -9.43
N CYS D 96 -14.77 6.59 -9.83
CA CYS D 96 -15.06 6.23 -11.21
CA CYS D 96 -15.05 6.20 -11.20
C CYS D 96 -16.50 5.73 -11.27
N ALA D 97 -17.32 6.42 -12.06
CA ALA D 97 -18.74 6.13 -12.12
C ALA D 97 -19.16 5.79 -13.54
N ARG D 98 -20.03 4.81 -13.67
CA ARG D 98 -20.65 4.43 -14.94
C ARG D 98 -22.11 4.84 -14.95
N GLU D 99 -22.54 5.39 -16.08
CA GLU D 99 -23.93 5.78 -16.23
C GLU D 99 -24.84 4.56 -16.24
N GLY D 100 -26.14 4.80 -16.08
CA GLY D 100 -27.10 3.75 -15.94
C GLY D 100 -27.79 3.37 -17.24
N GLU D 101 -28.26 2.13 -17.28
CA GLU D 101 -29.03 1.60 -18.40
C GLU D 101 -30.32 1.01 -17.86
N GLY D 102 -31.37 1.04 -18.68
CA GLY D 102 -32.66 0.52 -18.26
C GLY D 102 -33.53 0.03 -19.39
N TRP D 103 -34.46 0.88 -19.84
CA TRP D 103 -35.34 0.57 -20.96
C TRP D 103 -34.53 0.09 -22.17
N PHE D 104 -34.43 -1.24 -22.33
CA PHE D 104 -33.62 -1.90 -23.35
C PHE D 104 -32.13 -1.63 -23.15
N GLY D 105 -31.77 -0.43 -22.73
CA GLY D 105 -30.38 -0.07 -22.50
C GLY D 105 -30.12 1.38 -22.83
N LYS D 106 -31.17 2.20 -22.83
CA LYS D 106 -31.04 3.62 -23.15
C LYS D 106 -30.09 4.29 -22.16
N PRO D 107 -28.95 4.81 -22.61
CA PRO D 107 -28.01 5.46 -21.68
C PRO D 107 -28.62 6.63 -20.93
N LEU D 108 -28.81 6.46 -19.63
CA LEU D 108 -29.43 7.47 -18.79
C LEU D 108 -28.48 8.59 -18.38
N ARG D 109 -27.21 8.52 -18.81
CA ARG D 109 -26.23 9.58 -18.59
C ARG D 109 -25.88 9.75 -17.11
N ALA D 110 -26.89 9.80 -16.24
CA ALA D 110 -26.65 9.96 -14.82
C ALA D 110 -25.84 8.78 -14.27
N PHE D 111 -24.93 9.08 -13.36
CA PHE D 111 -23.97 8.10 -12.84
C PHE D 111 -24.71 7.17 -11.89
N GLU D 112 -25.06 5.97 -12.35
CA GLU D 112 -25.75 5.02 -11.49
C GLU D 112 -24.80 4.15 -10.69
N PHE D 113 -23.69 3.69 -11.28
CA PHE D 113 -22.79 2.78 -10.59
C PHE D 113 -21.50 3.50 -10.22
N TRP D 114 -21.01 3.26 -9.00
CA TRP D 114 -19.84 3.93 -8.48
C TRP D 114 -18.82 2.93 -7.97
N GLY D 115 -17.56 3.37 -7.92
CA GLY D 115 -16.50 2.58 -7.33
C GLY D 115 -16.33 2.87 -5.85
N GLN D 116 -15.39 2.15 -5.23
CA GLN D 116 -15.15 2.34 -3.81
C GLN D 116 -14.32 3.58 -3.51
N GLY D 117 -13.83 4.27 -4.53
CA GLY D 117 -13.09 5.50 -4.31
C GLY D 117 -11.61 5.25 -4.12
N THR D 118 -10.81 6.22 -4.59
CA THR D 118 -9.36 6.16 -4.46
C THR D 118 -8.92 7.44 -3.76
N VAL D 119 -8.41 7.30 -2.53
CA VAL D 119 -7.98 8.45 -1.73
C VAL D 119 -6.56 8.82 -2.15
N ILE D 120 -6.41 9.98 -2.78
CA ILE D 120 -5.11 10.50 -3.20
C ILE D 120 -4.74 11.64 -2.26
N THR D 121 -3.59 11.54 -1.61
CA THR D 121 -3.09 12.57 -0.70
C THR D 121 -1.84 13.18 -1.32
N VAL D 122 -1.94 14.44 -1.73
CA VAL D 122 -0.83 15.14 -2.36
C VAL D 122 -0.13 15.95 -1.27
N SER D 123 0.94 15.40 -0.73
CA SER D 123 1.76 16.08 0.27
C SER D 123 3.18 15.57 0.16
N SER D 124 4.08 16.19 0.92
CA SER D 124 5.49 15.85 0.89
C SER D 124 6.03 15.37 2.22
N ALA D 125 5.19 15.29 3.26
CA ALA D 125 5.66 14.85 4.56
C ALA D 125 5.99 13.37 4.54
N SER D 126 7.00 13.00 5.33
CA SER D 126 7.41 11.60 5.42
C SER D 126 6.45 10.82 6.30
N THR D 127 6.25 9.54 5.95
CA THR D 127 5.37 8.66 6.70
C THR D 127 5.80 8.60 8.16
N LYS D 128 4.96 9.13 9.06
CA LYS D 128 5.30 9.29 10.46
C LYS D 128 4.19 8.73 11.33
N GLY D 129 4.57 7.96 12.35
CA GLY D 129 3.62 7.49 13.33
C GLY D 129 3.23 8.59 14.29
N PRO D 130 2.10 8.40 14.98
CA PRO D 130 1.60 9.46 15.87
C PRO D 130 2.13 9.34 17.30
N SER D 131 2.17 10.49 17.97
CA SER D 131 2.46 10.57 19.39
C SER D 131 1.15 10.67 20.16
N VAL D 132 0.96 9.77 21.13
CA VAL D 132 -0.28 9.69 21.89
C VAL D 132 -0.05 10.33 23.26
N PHE D 133 -0.81 11.36 23.57
CA PHE D 133 -0.73 12.05 24.85
C PHE D 133 -2.06 11.90 25.59
N PRO D 134 -2.03 11.52 26.87
CA PRO D 134 -3.28 11.23 27.58
C PRO D 134 -4.04 12.50 27.95
N LEU D 135 -5.34 12.50 27.66
CA LEU D 135 -6.25 13.55 28.14
C LEU D 135 -6.78 13.07 29.49
N ALA D 136 -6.05 13.42 30.55
CA ALA D 136 -6.36 12.88 31.87
C ALA D 136 -7.74 13.35 32.32
N PRO D 137 -8.47 12.54 33.07
CA PRO D 137 -9.77 12.94 33.58
C PRO D 137 -9.64 14.03 34.63
N SER D 138 -10.74 14.75 34.85
CA SER D 138 -10.75 15.87 35.77
C SER D 138 -10.72 15.36 37.22
N SER D 139 -10.94 16.27 38.16
CA SER D 139 -10.87 15.92 39.58
C SER D 139 -12.27 15.75 40.17
N GLY D 145 -21.56 12.34 38.40
CA GLY D 145 -21.83 13.11 37.19
C GLY D 145 -20.91 12.76 36.04
N THR D 146 -20.54 11.49 35.94
CA THR D 146 -19.65 10.96 34.90
C THR D 146 -18.30 11.65 34.91
N ALA D 147 -17.45 11.33 33.94
CA ALA D 147 -16.12 11.91 33.82
C ALA D 147 -15.57 11.62 32.43
N ALA D 148 -14.88 12.60 31.84
CA ALA D 148 -14.36 12.48 30.49
C ALA D 148 -12.84 12.33 30.51
N LEU D 149 -12.35 11.33 29.79
CA LEU D 149 -10.93 11.15 29.55
C LEU D 149 -10.75 10.79 28.08
N GLY D 150 -9.50 10.74 27.64
CA GLY D 150 -9.24 10.44 26.25
C GLY D 150 -7.77 10.45 25.92
N CYS D 151 -7.49 10.31 24.63
CA CYS D 151 -6.12 10.33 24.11
CA CYS D 151 -6.13 10.31 24.10
C CYS D 151 -6.04 11.31 22.96
N LEU D 152 -4.88 11.97 22.85
CA LEU D 152 -4.60 12.92 21.79
C LEU D 152 -3.63 12.28 20.81
N VAL D 153 -4.11 12.02 19.60
CA VAL D 153 -3.31 11.39 18.55
C VAL D 153 -2.79 12.52 17.67
N LYS D 154 -1.55 12.92 17.89
CA LYS D 154 -1.00 14.13 17.29
C LYS D 154 0.17 13.79 16.38
N ASP D 155 0.28 14.55 15.27
CA ASP D 155 1.41 14.50 14.36
C ASP D 155 1.62 13.12 13.74
N TYR D 156 0.90 12.84 12.65
CA TYR D 156 1.08 11.60 11.92
C TYR D 156 0.74 11.83 10.46
N PHE D 157 1.27 10.96 9.59
CA PHE D 157 1.02 11.04 8.16
C PHE D 157 1.22 9.67 7.53
N PRO D 158 0.32 9.21 6.64
CA PRO D 158 -0.91 9.93 6.31
C PRO D 158 -2.14 9.39 7.03
N GLU D 159 -3.32 9.76 6.55
CA GLU D 159 -4.54 9.17 7.05
C GLU D 159 -4.62 7.70 6.63
N PRO D 160 -5.34 6.87 7.40
CA PRO D 160 -6.02 7.18 8.65
C PRO D 160 -5.40 6.50 9.88
N VAL D 161 -6.05 6.65 11.03
CA VAL D 161 -5.65 6.02 12.28
C VAL D 161 -6.88 5.38 12.91
N THR D 162 -6.71 4.19 13.50
CA THR D 162 -7.79 3.49 14.17
C THR D 162 -7.56 3.53 15.67
N VAL D 163 -8.54 4.05 16.41
CA VAL D 163 -8.43 4.23 17.86
C VAL D 163 -9.53 3.44 18.54
N SER D 164 -9.14 2.51 19.41
CA SER D 164 -10.05 1.72 20.21
C SER D 164 -9.78 1.96 21.69
N TRP D 165 -10.66 1.43 22.53
CA TRP D 165 -10.56 1.60 23.97
C TRP D 165 -10.65 0.24 24.64
N ASN D 166 -9.68 -0.06 25.50
CA ASN D 166 -9.60 -1.35 26.20
C ASN D 166 -9.66 -2.51 25.21
N SER D 167 -8.87 -2.39 24.14
CA SER D 167 -8.80 -3.38 23.07
C SER D 167 -10.15 -3.59 22.39
N GLY D 168 -11.06 -2.62 22.49
CA GLY D 168 -12.38 -2.73 21.90
C GLY D 168 -13.48 -3.11 22.87
N ALA D 169 -13.16 -3.35 24.14
CA ALA D 169 -14.19 -3.70 25.11
C ALA D 169 -15.05 -2.51 25.48
N LEU D 170 -14.47 -1.31 25.50
CA LEU D 170 -15.18 -0.09 25.85
C LEU D 170 -15.62 0.60 24.55
N THR D 171 -16.93 0.69 24.35
CA THR D 171 -17.49 1.34 23.18
C THR D 171 -18.55 2.38 23.50
N SER D 172 -19.21 2.32 24.66
CA SER D 172 -20.25 3.28 24.98
C SER D 172 -19.66 4.62 25.34
N GLY D 173 -20.23 5.69 24.80
CA GLY D 173 -19.76 7.03 25.09
C GLY D 173 -18.42 7.38 24.47
N VAL D 174 -17.97 6.61 23.49
CA VAL D 174 -16.70 6.87 22.81
C VAL D 174 -16.97 7.78 21.63
N HIS D 175 -16.17 8.85 21.53
CA HIS D 175 -16.26 9.80 20.43
C HIS D 175 -14.86 10.05 19.90
N THR D 176 -14.55 9.52 18.72
CA THR D 176 -13.30 9.79 18.03
C THR D 176 -13.57 10.81 16.94
N PHE D 177 -12.98 11.98 17.07
CA PHE D 177 -13.27 13.08 16.17
C PHE D 177 -12.53 12.92 14.85
N PRO D 178 -13.08 13.48 13.76
CA PRO D 178 -12.34 13.49 12.50
C PRO D 178 -11.02 14.24 12.64
N ALA D 179 -10.02 13.74 11.92
CA ALA D 179 -8.68 14.31 11.99
C ALA D 179 -8.64 15.66 11.29
N VAL D 180 -7.85 16.57 11.86
CA VAL D 180 -7.63 17.89 11.28
C VAL D 180 -6.21 17.94 10.72
N LEU D 181 -6.05 18.69 9.64
CA LEU D 181 -4.74 18.85 8.99
C LEU D 181 -4.07 20.08 9.58
N GLN D 182 -3.02 19.86 10.36
CA GLN D 182 -2.31 20.95 11.00
C GLN D 182 -1.48 21.73 9.97
N SER D 183 -1.04 22.92 10.39
CA SER D 183 -0.24 23.77 9.50
C SER D 183 1.12 23.15 9.19
N SER D 184 1.59 22.20 10.01
CA SER D 184 2.85 21.52 9.78
C SER D 184 2.73 20.39 8.75
N GLY D 185 1.57 20.23 8.12
CA GLY D 185 1.35 19.18 7.15
C GLY D 185 0.96 17.84 7.73
N LEU D 186 1.05 17.67 9.05
CA LEU D 186 0.70 16.42 9.71
C LEU D 186 -0.73 16.50 10.25
N TYR D 187 -1.31 15.32 10.46
CA TYR D 187 -2.68 15.21 10.95
C TYR D 187 -2.71 15.11 12.47
N SER D 188 -3.90 15.26 13.03
CA SER D 188 -4.10 15.15 14.47
C SER D 188 -5.59 15.00 14.74
N LEU D 189 -5.93 14.05 15.62
CA LEU D 189 -7.30 13.85 16.06
C LEU D 189 -7.29 13.57 17.56
N SER D 190 -8.49 13.58 18.14
CA SER D 190 -8.67 13.32 19.56
CA SER D 190 -8.66 13.31 19.56
C SER D 190 -9.79 12.31 19.74
N SER D 191 -9.59 11.36 20.66
CA SER D 191 -10.59 10.35 20.98
C SER D 191 -10.92 10.45 22.45
N VAL D 192 -12.18 10.75 22.76
CA VAL D 192 -12.63 10.95 24.13
C VAL D 192 -13.69 9.90 24.47
N VAL D 193 -13.94 9.77 25.77
CA VAL D 193 -14.93 8.81 26.27
C VAL D 193 -15.37 9.28 27.65
N THR D 194 -16.66 9.12 27.92
CA THR D 194 -17.25 9.47 29.21
C THR D 194 -17.56 8.20 29.99
N VAL D 195 -17.08 8.13 31.23
CA VAL D 195 -17.16 6.91 32.04
C VAL D 195 -17.72 7.27 33.40
N PRO D 196 -18.24 6.29 34.15
CA PRO D 196 -18.73 6.57 35.50
C PRO D 196 -17.65 7.20 36.38
N SER D 197 -18.07 8.16 37.21
CA SER D 197 -17.13 8.86 38.08
C SER D 197 -16.52 7.93 39.11
N SER D 198 -17.31 6.99 39.63
CA SER D 198 -16.84 6.12 40.69
C SER D 198 -15.78 5.13 40.21
N SER D 199 -15.67 4.93 38.90
CA SER D 199 -14.75 3.94 38.35
C SER D 199 -13.38 4.52 38.01
N LEU D 200 -13.15 5.81 38.25
CA LEU D 200 -11.86 6.41 37.90
C LEU D 200 -10.74 5.88 38.80
N GLY D 201 -11.06 5.48 40.02
CA GLY D 201 -10.05 5.02 40.94
C GLY D 201 -9.76 3.54 40.83
N THR D 202 -10.68 2.79 40.22
CA THR D 202 -10.55 1.35 40.11
C THR D 202 -10.38 0.88 38.68
N GLN D 203 -11.29 1.26 37.78
CA GLN D 203 -11.24 0.78 36.41
C GLN D 203 -10.06 1.39 35.66
N THR D 204 -9.34 0.55 34.91
CA THR D 204 -8.20 0.97 34.12
C THR D 204 -8.64 1.20 32.68
N TYR D 205 -8.28 2.37 32.13
CA TYR D 205 -8.65 2.76 30.77
C TYR D 205 -7.40 2.89 29.93
N ILE D 206 -7.36 2.19 28.79
CA ILE D 206 -6.23 2.18 27.88
C ILE D 206 -6.72 2.47 26.48
N CYS D 207 -6.10 3.45 25.82
CA CYS D 207 -6.42 3.81 24.45
CA CYS D 207 -6.41 3.82 24.45
C CYS D 207 -5.43 3.12 23.52
N ASN D 208 -5.96 2.50 22.47
CA ASN D 208 -5.17 1.75 21.50
C ASN D 208 -5.17 2.52 20.19
N VAL D 209 -4.01 3.02 19.79
CA VAL D 209 -3.84 3.75 18.55
C VAL D 209 -3.08 2.87 17.57
N ASN D 210 -3.62 2.71 16.37
CA ASN D 210 -3.01 1.90 15.33
C ASN D 210 -2.89 2.74 14.06
N HIS D 211 -1.67 2.84 13.52
CA HIS D 211 -1.38 3.55 12.29
C HIS D 211 -0.70 2.57 11.33
N LYS D 212 -1.43 2.16 10.29
CA LYS D 212 -0.90 1.14 9.38
C LYS D 212 0.26 1.66 8.54
N PRO D 213 0.18 2.83 7.88
CA PRO D 213 1.29 3.25 7.02
C PRO D 213 2.64 3.32 7.71
N SER D 214 2.66 3.58 9.01
CA SER D 214 3.90 3.60 9.78
C SER D 214 4.12 2.32 10.56
N ASN D 215 3.18 1.37 10.49
CA ASN D 215 3.27 0.11 11.23
C ASN D 215 3.43 0.38 12.74
N THR D 216 2.65 1.34 13.24
CA THR D 216 2.78 1.80 14.62
C THR D 216 1.58 1.32 15.42
N LYS D 217 1.85 0.71 16.58
CA LYS D 217 0.82 0.25 17.51
C LYS D 217 1.18 0.76 18.89
N VAL D 218 0.35 1.62 19.45
CA VAL D 218 0.61 2.26 20.73
C VAL D 218 -0.56 1.97 21.68
N ASP D 219 -0.23 1.64 22.92
CA ASP D 219 -1.22 1.50 23.99
C ASP D 219 -0.87 2.50 25.07
N LYS D 220 -1.76 3.46 25.30
CA LYS D 220 -1.52 4.55 26.25
C LYS D 220 -2.57 4.51 27.34
N LYS D 221 -2.15 4.36 28.58
CA LYS D 221 -3.08 4.28 29.70
C LYS D 221 -3.42 5.68 30.19
N VAL D 222 -4.72 5.96 30.31
CA VAL D 222 -5.21 7.25 30.76
C VAL D 222 -5.68 7.11 32.20
N GLU D 223 -5.15 7.96 33.07
CA GLU D 223 -5.43 7.90 34.50
C GLU D 223 -5.40 9.31 35.06
N PRO D 224 -6.09 9.55 36.18
CA PRO D 224 -6.09 10.89 36.77
C PRO D 224 -4.68 11.31 37.20
N LYS D 225 -4.44 12.62 37.13
CA LYS D 225 -3.13 13.17 37.50
C LYS D 225 -3.01 13.33 39.01
N ASN E 1 -3.91 -39.88 -2.68
CA ASN E 1 -3.23 -38.60 -2.79
C ASN E 1 -4.21 -37.51 -3.23
N TRP E 2 -4.12 -36.35 -2.57
CA TRP E 2 -5.07 -35.27 -2.84
C TRP E 2 -4.89 -34.69 -4.24
N PHE E 3 -3.67 -34.65 -4.75
CA PHE E 3 -3.41 -34.08 -6.07
C PHE E 3 -4.15 -34.82 -7.18
N ASP E 4 -4.53 -36.07 -6.95
CA ASP E 4 -5.27 -36.84 -7.94
C ASP E 4 -6.77 -36.64 -7.87
N ILE E 5 -7.27 -35.97 -6.82
CA ILE E 5 -8.71 -35.82 -6.64
C ILE E 5 -9.33 -35.10 -7.82
N THR E 6 -8.75 -33.97 -8.22
CA THR E 6 -9.24 -33.23 -9.37
C THR E 6 -9.27 -34.08 -10.64
N ASN E 7 -8.46 -35.14 -10.68
CA ASN E 7 -8.48 -36.03 -11.83
C ASN E 7 -9.72 -36.93 -11.82
N TRP E 8 -10.10 -37.44 -10.64
CA TRP E 8 -11.31 -38.25 -10.53
C TRP E 8 -12.50 -37.51 -11.11
N LEU E 9 -12.75 -36.30 -10.60
CA LEU E 9 -13.81 -35.46 -11.11
C LEU E 9 -13.70 -35.28 -12.62
N TRP E 10 -12.46 -35.16 -13.13
CA TRP E 10 -12.28 -35.03 -14.57
C TRP E 10 -12.78 -36.27 -15.29
N TYR E 11 -12.42 -37.44 -14.78
CA TYR E 11 -12.88 -38.69 -15.39
C TYR E 11 -14.39 -38.81 -15.27
N ILE E 12 -14.90 -38.75 -14.04
CA ILE E 12 -16.33 -38.96 -13.80
C ILE E 12 -17.17 -37.96 -14.57
N LYS E 13 -16.75 -36.69 -14.59
CA LYS E 13 -17.48 -35.69 -15.36
C LYS E 13 -17.44 -35.98 -16.85
N LYS E 14 -16.30 -36.46 -17.35
CA LYS E 14 -16.18 -36.71 -18.77
C LYS E 14 -17.05 -37.88 -19.21
N LYS E 15 -17.16 -38.90 -18.38
CA LYS E 15 -18.01 -40.05 -18.70
C LYS E 15 -19.37 -39.93 -18.02
N ASN F 1 -24.59 17.90 -26.82
CA ASN F 1 -24.05 17.52 -25.51
C ASN F 1 -23.39 16.16 -25.58
N TRP F 2 -22.24 16.02 -24.93
CA TRP F 2 -21.47 14.79 -25.02
C TRP F 2 -22.15 13.63 -24.31
N PHE F 3 -22.82 13.93 -23.19
CA PHE F 3 -23.44 12.87 -22.39
C PHE F 3 -24.49 12.09 -23.18
N ASP F 4 -25.10 12.72 -24.18
CA ASP F 4 -26.12 12.06 -25.00
C ASP F 4 -25.52 11.19 -26.09
N ILE F 5 -24.21 11.27 -26.33
CA ILE F 5 -23.58 10.50 -27.41
C ILE F 5 -23.85 9.01 -27.23
N THR F 6 -23.61 8.49 -26.03
CA THR F 6 -23.85 7.08 -25.77
C THR F 6 -25.28 6.68 -26.11
N ASN F 7 -26.23 7.61 -25.96
CA ASN F 7 -27.61 7.33 -26.35
C ASN F 7 -27.70 7.10 -27.86
N TRP F 8 -27.16 8.04 -28.65
N TRP F 8 -27.17 8.04 -28.65
CA TRP F 8 -27.21 7.94 -30.10
CA TRP F 8 -27.22 7.94 -30.10
C TRP F 8 -26.78 6.56 -30.58
C TRP F 8 -26.78 6.56 -30.58
N LEU F 9 -25.55 6.17 -30.22
CA LEU F 9 -25.04 4.84 -30.58
C LEU F 9 -26.03 3.75 -30.21
N TRP F 10 -26.51 3.76 -28.97
CA TRP F 10 -27.49 2.77 -28.55
C TRP F 10 -28.63 2.71 -29.54
N TYR F 11 -29.23 3.87 -29.83
CA TYR F 11 -30.29 3.96 -30.83
C TYR F 11 -29.89 3.19 -32.07
N ILE F 12 -28.78 3.59 -32.70
CA ILE F 12 -28.33 2.96 -33.94
C ILE F 12 -28.08 1.48 -33.69
N LYS F 13 -27.40 1.18 -32.60
CA LYS F 13 -26.99 -0.19 -32.34
C LYS F 13 -28.14 -1.04 -31.82
N LYS F 14 -29.32 -0.46 -31.63
CA LYS F 14 -30.41 -1.29 -31.15
C LYS F 14 -31.07 -2.05 -32.31
N LYS F 15 -31.19 -1.43 -33.47
CA LYS F 15 -31.82 -2.04 -34.63
C LYS F 15 -30.85 -2.29 -35.78
N LYS F 16 -29.58 -1.96 -35.62
CA LYS F 16 -28.62 -2.19 -36.70
C LYS F 16 -27.23 -2.53 -36.14
#